data_9N85
#
_entry.id   9N85
#
_cell.length_a   1.00
_cell.length_b   1.00
_cell.length_c   1.00
_cell.angle_alpha   90.00
_cell.angle_beta   90.00
_cell.angle_gamma   90.00
#
_symmetry.space_group_name_H-M   'P 1'
#
loop_
_entity.id
_entity.type
_entity.pdbx_description
1 polymer 'Importin subunit beta-1'
2 polymer 'Ran-specific GTPase-activating protein'
3 polymer 'GTP-binding nuclear protein Ran'
4 non-polymer "GUANOSINE-5'-TRIPHOSPHATE"
5 non-polymer 'MAGNESIUM ION'
#
loop_
_entity_poly.entity_id
_entity_poly.type
_entity_poly.pdbx_seq_one_letter_code
_entity_poly.pdbx_strand_id
1 'polypeptide(L)'
;MELITILEKTVSPDRLELEAAQKFLERAAVENLPTFLVELSRVLANPGNSQVARVAAGLQIKNSLTSKDPDIKAQYQQRW
LAIDANARREVKNYVLHTLGTETYRPSSASQCVAGIACAEIPVNQWPELIPQLVANVTNPNSTEHMKESTLEAIGYICQD
IDPEQLQDKSNEILTAIIQGMRKEEPSNNVKLAATNALLNSLEFTKANFDKESERHFIMQVVCEATQCPDTRVRVAALQN
LVKIMSLYYQYMETYMGPALFAITIEAMKSDIDEVALQGIEFWSNVCDEEMDLAIEASEAAEQGRPPEHTSKFYAKGALQ
YLVPILTQTLTKQDENDDDDDWNPCKAAGVCLMLLATCCEDDIVPHVLPFIKEHIKNPDWRYRDAAVMAFGCILEGPEPS
QLKPLVIQAMPTLIELMKDPSVVVRDTAAWTVGRICELLPEAAINDVYLAPLLQCLIEGLSAEPRVASNVCWAFSSLAEA
AYEAADVADDQEEPATYCLSSSFELIVQKLLETTDRPDGHQNNLRSSAYESLMEIVKNSAKDCYPAVQKTTLVIMERLQQ
VLQMESHIQSTSDRIQFNDLQSLLCATLQNVLRKVQHQDALQISDVVMASLLRMFQSTAGSGGVQEDALMAVSTLVEVLG
GEFLKYMEAFKPFLGIGLKNYAEYQVCLAAVGLVGDLCRALQSNIIPFCDEVMQLLLENLGNENVHRSVKPQILSVFGDI
ALAIGGEFKKYLEVVLNTLQQASQAQVDKSDYDMVDYLNELRESCLEAYTGIVQGLKGDQENVHPDVMLVQPRVEFILSF
IDHIAGDEDHTDGVVACAAGLIGDLCTAFGKDVLKLVEARPMIHELLTEGRRSKTNKAKTLARWATKELRKLKNQA
;
A
2 'polypeptide(L)'
;HFQAVVPAPDEQEIATLEEDEEELFCNRAKLFRFASENDLPEWKERGTGDVKLLKHKEKGAIRLLMRRDKTLKICANHYI
TPMMELKPNAGSDRAWVWNTHADFADECPKPELLAIRFLNAENAQKFKTKFEECRKEIEEREKK
;
B
3 'polypeptide(L)'
;EPQVQFKLVLVGDGGTGKTTFVKRHLTGEFEKKYVATLGVEVHPLVFHTNRGPIKFNVWDTAGQEKFGGLRDGYYIQAQC
AIIMFDVTSRVTYKNVPNWHRDLVRVCENIPIVLCGNKVDIKDRKVKAKSIVFHRKKNLQYYDISAKSNYNFEKPFLWLA
RKLIGDPNLEFVAMPALAPPEVVMDPALAAQYEHDLEVAQTTALPEEDAA
;
C
#
loop_
_chem_comp.id
_chem_comp.type
_chem_comp.name
_chem_comp.formula
GTP non-polymer GUANOSINE-5'-TRIPHOSPHATE 'C10 H16 N5 O14 P3'
MG non-polymer 'MAGNESIUM ION' 'Mg 2'
#
# COMPACT_ATOMS: atom_id res chain seq x y z
N MET A 1 -45.10 21.17 -5.17
CA MET A 1 -43.67 21.06 -4.95
C MET A 1 -43.24 19.60 -4.78
N GLU A 2 -43.83 18.93 -3.79
CA GLU A 2 -43.49 17.55 -3.46
C GLU A 2 -41.99 17.40 -3.19
N LEU A 3 -41.43 18.36 -2.46
CA LEU A 3 -40.06 18.25 -2.01
C LEU A 3 -39.90 17.09 -1.02
N ILE A 4 -40.97 16.76 -0.30
CA ILE A 4 -40.90 15.67 0.68
C ILE A 4 -40.65 14.34 -0.01
N THR A 5 -41.35 14.08 -1.12
CA THR A 5 -41.15 12.82 -1.83
C THR A 5 -39.75 12.72 -2.41
N ILE A 6 -39.24 13.83 -2.96
CA ILE A 6 -37.88 13.85 -3.49
C ILE A 6 -36.88 13.56 -2.38
N LEU A 7 -37.08 14.16 -1.21
CA LEU A 7 -36.18 13.89 -0.09
C LEU A 7 -36.26 12.43 0.35
N GLU A 8 -37.47 11.88 0.39
CA GLU A 8 -37.63 10.49 0.81
C GLU A 8 -37.16 9.48 -0.22
N LYS A 9 -36.91 9.91 -1.45
CA LYS A 9 -36.34 9.01 -2.45
C LYS A 9 -34.81 8.96 -2.41
N THR A 10 -34.18 9.64 -1.46
CA THR A 10 -32.72 9.65 -1.39
C THR A 10 -32.16 8.43 -0.67
N VAL A 11 -33.00 7.54 -0.16
CA VAL A 11 -32.55 6.31 0.46
C VAL A 11 -32.86 5.08 -0.39
N SER A 12 -33.47 5.27 -1.56
CA SER A 12 -33.81 4.15 -2.41
C SER A 12 -32.54 3.56 -3.02
N PRO A 13 -32.38 2.23 -3.03
CA PRO A 13 -31.18 1.64 -3.65
C PRO A 13 -31.16 1.75 -5.16
N ASP A 14 -32.31 1.98 -5.80
CA ASP A 14 -32.38 2.06 -7.25
C ASP A 14 -31.58 3.24 -7.76
N ARG A 15 -30.89 3.04 -8.89
CA ARG A 15 -30.04 4.09 -9.45
C ARG A 15 -30.86 5.20 -10.08
N LEU A 16 -31.94 4.85 -10.77
CA LEU A 16 -32.73 5.85 -11.47
C LEU A 16 -33.36 6.84 -10.49
N GLU A 17 -33.91 6.35 -9.39
CA GLU A 17 -34.53 7.24 -8.41
C GLU A 17 -33.50 8.16 -7.77
N LEU A 18 -32.32 7.63 -7.45
CA LEU A 18 -31.28 8.48 -6.87
C LEU A 18 -30.87 9.58 -7.85
N GLU A 19 -30.68 9.22 -9.12
CA GLU A 19 -30.31 10.24 -10.10
C GLU A 19 -31.41 11.27 -10.29
N ALA A 20 -32.66 10.83 -10.33
CA ALA A 20 -33.77 11.76 -10.47
C ALA A 20 -33.82 12.74 -9.31
N ALA A 21 -33.70 12.23 -8.08
CA ALA A 21 -33.75 13.09 -6.90
C ALA A 21 -32.58 14.06 -6.90
N GLN A 22 -31.38 13.60 -7.23
CA GLN A 22 -30.23 14.49 -7.26
C GLN A 22 -30.40 15.58 -8.29
N LYS A 23 -30.90 15.24 -9.49
CA LYS A 23 -31.10 16.24 -10.52
C LYS A 23 -32.15 17.26 -10.10
N PHE A 24 -33.25 16.79 -9.51
CA PHE A 24 -34.29 17.71 -9.05
C PHE A 24 -33.73 18.68 -8.02
N LEU A 25 -32.98 18.16 -7.04
CA LEU A 25 -32.47 19.02 -5.98
C LEU A 25 -31.46 20.03 -6.53
N GLU A 26 -30.58 19.60 -7.43
CA GLU A 26 -29.61 20.54 -8.00
C GLU A 26 -30.31 21.62 -8.82
N ARG A 27 -31.33 21.23 -9.61
CA ARG A 27 -32.07 22.22 -10.38
C ARG A 27 -32.76 23.23 -9.47
N ALA A 28 -33.40 22.73 -8.41
CA ALA A 28 -34.08 23.64 -7.48
C ALA A 28 -33.10 24.57 -6.80
N ALA A 29 -31.91 24.07 -6.44
CA ALA A 29 -30.91 24.93 -5.83
C ALA A 29 -30.43 25.99 -6.80
N VAL A 30 -30.27 25.64 -8.07
CA VAL A 30 -29.76 26.60 -9.05
C VAL A 30 -30.81 27.67 -9.34
N GLU A 31 -32.09 27.29 -9.43
CA GLU A 31 -33.12 28.24 -9.85
C GLU A 31 -33.23 29.41 -8.89
N ASN A 32 -33.39 29.13 -7.59
CA ASN A 32 -33.57 30.19 -6.60
C ASN A 32 -33.13 29.65 -5.25
N LEU A 33 -31.93 30.03 -4.82
CA LEU A 33 -31.38 29.51 -3.57
C LEU A 33 -32.19 29.92 -2.34
N PRO A 34 -32.57 31.19 -2.14
CA PRO A 34 -33.26 31.54 -0.89
C PRO A 34 -34.57 30.80 -0.66
N THR A 35 -35.42 30.69 -1.68
CA THR A 35 -36.67 29.99 -1.50
C THR A 35 -36.43 28.50 -1.23
N PHE A 36 -35.42 27.93 -1.87
CA PHE A 36 -35.09 26.53 -1.63
C PHE A 36 -34.66 26.32 -0.19
N LEU A 37 -33.79 27.19 0.33
CA LEU A 37 -33.35 27.06 1.71
C LEU A 37 -34.50 27.24 2.70
N VAL A 38 -35.39 28.21 2.43
CA VAL A 38 -36.53 28.41 3.31
C VAL A 38 -37.43 27.19 3.31
N GLU A 39 -37.69 26.62 2.13
CA GLU A 39 -38.52 25.42 2.06
C GLU A 39 -37.89 24.26 2.80
N LEU A 40 -36.57 24.08 2.64
CA LEU A 40 -35.89 23.00 3.35
C LEU A 40 -35.97 23.18 4.86
N SER A 41 -35.74 24.40 5.35
CA SER A 41 -35.81 24.64 6.78
C SER A 41 -37.23 24.44 7.30
N ARG A 42 -38.23 24.80 6.51
CA ARG A 42 -39.61 24.56 6.90
C ARG A 42 -39.90 23.07 6.98
N VAL A 43 -39.36 22.28 6.05
CA VAL A 43 -39.53 20.84 6.10
C VAL A 43 -38.86 20.25 7.34
N LEU A 44 -37.66 20.73 7.66
CA LEU A 44 -36.90 20.20 8.79
C LEU A 44 -37.62 20.43 10.11
N ALA A 45 -38.20 21.62 10.29
CA ALA A 45 -38.75 22.01 11.58
C ALA A 45 -40.09 21.37 11.91
N ASN A 46 -40.72 20.69 10.97
CA ASN A 46 -42.06 20.14 11.21
C ASN A 46 -41.94 18.78 11.86
N PRO A 47 -42.46 18.59 13.08
CA PRO A 47 -42.38 17.27 13.72
C PRO A 47 -43.18 16.20 13.01
N GLY A 48 -44.13 16.56 12.14
CA GLY A 48 -44.93 15.56 11.47
C GLY A 48 -44.19 14.79 10.40
N ASN A 49 -43.10 15.33 9.87
CA ASN A 49 -42.34 14.66 8.83
C ASN A 49 -41.61 13.44 9.39
N SER A 50 -41.29 12.51 8.51
CA SER A 50 -40.53 11.34 8.90
C SER A 50 -39.08 11.70 9.18
N GLN A 51 -38.37 10.78 9.82
CA GLN A 51 -36.95 11.02 10.13
C GLN A 51 -36.13 11.17 8.86
N VAL A 52 -36.42 10.36 7.84
CA VAL A 52 -35.63 10.40 6.61
C VAL A 52 -35.70 11.78 5.97
N ALA A 53 -36.91 12.33 5.85
CA ALA A 53 -37.08 13.62 5.20
C ALA A 53 -36.40 14.73 5.98
N ARG A 54 -36.54 14.72 7.31
CA ARG A 54 -35.94 15.78 8.11
C ARG A 54 -34.42 15.72 8.07
N VAL A 55 -33.84 14.52 8.16
CA VAL A 55 -32.39 14.41 8.08
C VAL A 55 -31.89 14.79 6.69
N ALA A 56 -32.61 14.41 5.64
CA ALA A 56 -32.20 14.76 4.29
C ALA A 56 -32.24 16.27 4.09
N ALA A 57 -33.29 16.93 4.58
CA ALA A 57 -33.37 18.38 4.47
C ALA A 57 -32.25 19.05 5.24
N GLY A 58 -31.96 18.57 6.45
CA GLY A 58 -30.87 19.14 7.22
C GLY A 58 -29.54 18.98 6.51
N LEU A 59 -29.32 17.83 5.88
CA LEU A 59 -28.07 17.60 5.17
C LEU A 59 -27.97 18.47 3.92
N GLN A 60 -29.09 18.70 3.24
CA GLN A 60 -29.09 19.62 2.10
C GLN A 60 -28.71 21.02 2.54
N ILE A 61 -29.31 21.50 3.65
CA ILE A 61 -28.99 22.82 4.15
C ILE A 61 -27.52 22.91 4.53
N LYS A 62 -27.01 21.88 5.22
CA LYS A 62 -25.62 21.90 5.64
C LYS A 62 -24.68 21.91 4.43
N ASN A 63 -24.99 21.11 3.41
CA ASN A 63 -24.13 21.05 2.23
C ASN A 63 -24.21 22.31 1.38
N SER A 64 -25.29 23.08 1.50
CA SER A 64 -25.33 24.38 0.84
C SER A 64 -24.41 25.40 1.49
N LEU A 65 -23.84 25.10 2.66
CA LEU A 65 -23.11 26.08 3.44
C LEU A 65 -21.66 25.72 3.73
N THR A 66 -21.23 24.50 3.44
CA THR A 66 -19.87 24.10 3.75
C THR A 66 -19.40 23.04 2.77
N SER A 67 -18.08 22.90 2.65
CA SER A 67 -17.49 21.92 1.76
C SER A 67 -16.11 21.55 2.29
N LYS A 68 -15.62 20.38 1.85
CA LYS A 68 -14.29 19.96 2.26
C LYS A 68 -13.21 20.83 1.64
N ASP A 69 -13.45 21.35 0.45
CA ASP A 69 -12.50 22.25 -0.18
C ASP A 69 -12.57 23.61 0.50
N PRO A 70 -11.46 24.14 1.02
CA PRO A 70 -11.53 25.45 1.69
C PRO A 70 -12.05 26.57 0.81
N ASP A 71 -11.65 26.61 -0.47
CA ASP A 71 -12.08 27.68 -1.35
C ASP A 71 -13.57 27.61 -1.63
N ILE A 72 -14.09 26.40 -1.87
CA ILE A 72 -15.51 26.25 -2.09
C ILE A 72 -16.28 26.59 -0.82
N LYS A 73 -15.72 26.28 0.35
CA LYS A 73 -16.37 26.65 1.59
C LYS A 73 -16.44 28.17 1.75
N ALA A 74 -15.35 28.87 1.43
CA ALA A 74 -15.36 30.32 1.50
C ALA A 74 -16.36 30.92 0.52
N GLN A 75 -16.42 30.37 -0.69
CA GLN A 75 -17.39 30.82 -1.67
C GLN A 75 -18.82 30.62 -1.18
N TYR A 76 -19.10 29.45 -0.59
CA TYR A 76 -20.45 29.19 -0.08
C TYR A 76 -20.80 30.11 1.07
N GLN A 77 -19.84 30.39 1.96
CA GLN A 77 -20.10 31.34 3.04
C GLN A 77 -20.41 32.72 2.50
N GLN A 78 -19.62 33.20 1.54
CA GLN A 78 -19.89 34.51 0.96
C GLN A 78 -21.24 34.53 0.26
N ARG A 79 -21.61 33.42 -0.39
CA ARG A 79 -22.91 33.34 -1.04
C ARG A 79 -24.03 33.43 -0.01
N TRP A 80 -23.87 32.78 1.14
CA TRP A 80 -24.89 32.87 2.19
C TRP A 80 -24.99 34.28 2.73
N LEU A 81 -23.85 34.95 2.93
CA LEU A 81 -23.87 36.29 3.49
C LEU A 81 -24.49 37.32 2.54
N ALA A 82 -24.63 37.00 1.25
CA ALA A 82 -25.21 37.92 0.29
C ALA A 82 -26.70 37.73 0.10
N ILE A 83 -27.31 36.73 0.76
CA ILE A 83 -28.75 36.56 0.67
C ILE A 83 -29.46 37.67 1.44
N ASP A 84 -30.71 37.93 1.06
CA ASP A 84 -31.50 38.96 1.72
C ASP A 84 -31.64 38.66 3.21
N ALA A 85 -31.62 39.73 4.02
CA ALA A 85 -31.58 39.56 5.47
C ALA A 85 -32.83 38.87 6.00
N ASN A 86 -33.99 39.18 5.43
CA ASN A 86 -35.23 38.57 5.92
C ASN A 86 -35.26 37.06 5.68
N ALA A 87 -34.79 36.62 4.52
CA ALA A 87 -34.74 35.19 4.25
C ALA A 87 -33.79 34.47 5.20
N ARG A 88 -32.61 35.07 5.44
CA ARG A 88 -31.68 34.49 6.39
C ARG A 88 -32.28 34.43 7.78
N ARG A 89 -33.01 35.48 8.18
CA ARG A 89 -33.63 35.50 9.50
C ARG A 89 -34.68 34.39 9.61
N GLU A 90 -35.49 34.19 8.57
CA GLU A 90 -36.46 33.12 8.60
C GLU A 90 -35.77 31.76 8.70
N VAL A 91 -34.71 31.55 7.93
CA VAL A 91 -33.99 30.27 7.97
C VAL A 91 -33.42 30.02 9.35
N LYS A 92 -32.77 31.03 9.93
CA LYS A 92 -32.16 30.88 11.24
C LYS A 92 -33.21 30.62 12.31
N ASN A 93 -34.34 31.32 12.26
CA ASN A 93 -35.39 31.09 13.22
C ASN A 93 -35.97 29.69 13.11
N TYR A 94 -36.19 29.21 11.88
CA TYR A 94 -36.71 27.86 11.72
C TYR A 94 -35.72 26.81 12.20
N VAL A 95 -34.43 27.02 11.94
CA VAL A 95 -33.43 26.03 12.34
C VAL A 95 -33.26 26.00 13.86
N LEU A 96 -33.19 27.18 14.48
CA LEU A 96 -32.89 27.25 15.91
C LEU A 96 -34.02 26.72 16.77
N HIS A 97 -35.24 26.65 16.25
CA HIS A 97 -36.38 26.15 17.01
C HIS A 97 -36.59 24.66 16.83
N THR A 98 -35.75 23.99 16.06
CA THR A 98 -35.85 22.55 15.90
C THR A 98 -35.17 21.78 17.03
N LEU A 99 -34.20 22.41 17.71
CA LEU A 99 -33.49 21.74 18.79
C LEU A 99 -34.46 21.27 19.86
N GLY A 100 -34.36 19.99 20.23
CA GLY A 100 -35.24 19.40 21.21
C GLY A 100 -36.48 18.76 20.65
N THR A 101 -36.73 18.88 19.35
CA THR A 101 -37.91 18.30 18.73
C THR A 101 -37.62 17.06 17.90
N GLU A 102 -36.36 16.62 17.84
CA GLU A 102 -35.97 15.44 17.09
C GLU A 102 -35.79 14.28 18.05
N THR A 103 -36.62 13.25 17.91
CA THR A 103 -36.55 12.07 18.77
C THR A 103 -35.69 10.97 18.16
N TYR A 104 -34.47 11.32 17.77
CA TYR A 104 -33.49 10.33 17.35
C TYR A 104 -32.11 10.82 17.76
N ARG A 105 -31.24 9.88 18.10
CA ARG A 105 -30.06 10.21 18.90
C ARG A 105 -29.11 11.17 18.20
N PRO A 106 -28.65 10.94 16.96
CA PRO A 106 -27.84 11.97 16.30
C PRO A 106 -28.70 13.00 15.60
N SER A 107 -28.59 14.26 16.03
CA SER A 107 -29.46 15.32 15.55
C SER A 107 -28.94 15.91 14.24
N SER A 108 -29.88 16.37 13.42
CA SER A 108 -29.55 16.98 12.14
C SER A 108 -29.59 18.50 12.18
N ALA A 109 -30.44 19.09 13.02
CA ALA A 109 -30.51 20.54 13.10
C ALA A 109 -29.23 21.14 13.67
N SER A 110 -28.50 20.38 14.48
CA SER A 110 -27.26 20.88 15.06
C SER A 110 -26.22 21.14 13.98
N GLN A 111 -26.17 20.29 12.95
CA GLN A 111 -25.24 20.52 11.86
C GLN A 111 -25.57 21.81 11.11
N CYS A 112 -26.86 22.07 10.88
CA CYS A 112 -27.27 23.32 10.24
C CYS A 112 -26.91 24.51 11.11
N VAL A 113 -27.13 24.40 12.42
CA VAL A 113 -26.77 25.50 13.33
C VAL A 113 -25.28 25.79 13.23
N ALA A 114 -24.46 24.74 13.27
CA ALA A 114 -23.02 24.93 13.20
C ALA A 114 -22.61 25.53 11.86
N GLY A 115 -23.21 25.06 10.77
CA GLY A 115 -22.84 25.58 9.46
C GLY A 115 -23.19 27.05 9.28
N ILE A 116 -24.37 27.45 9.74
CA ILE A 116 -24.76 28.86 9.64
C ILE A 116 -23.91 29.71 10.57
N ALA A 117 -23.61 29.19 11.77
CA ALA A 117 -22.83 29.96 12.74
C ALA A 117 -21.43 30.20 12.24
N CYS A 118 -20.79 29.19 11.64
CA CYS A 118 -19.43 29.36 11.17
C CYS A 118 -19.33 30.44 10.09
N ALA A 119 -20.45 30.79 9.45
CA ALA A 119 -20.47 31.85 8.47
C ALA A 119 -20.84 33.20 9.07
N GLU A 120 -21.80 33.22 9.99
CA GLU A 120 -22.32 34.50 10.48
C GLU A 120 -21.57 35.05 11.69
N ILE A 121 -21.00 34.20 12.54
CA ILE A 121 -20.30 34.69 13.73
C ILE A 121 -19.13 35.59 13.39
N PRO A 122 -18.27 35.30 12.41
CA PRO A 122 -17.13 36.18 12.15
C PRO A 122 -17.51 37.61 11.79
N VAL A 123 -18.74 37.86 11.36
CA VAL A 123 -19.19 39.20 11.02
C VAL A 123 -20.32 39.66 11.95
N ASN A 124 -20.50 38.98 13.09
CA ASN A 124 -21.43 39.40 14.13
C ASN A 124 -22.86 39.54 13.62
N GLN A 125 -23.26 38.63 12.74
CA GLN A 125 -24.61 38.66 12.19
C GLN A 125 -25.62 37.88 13.01
N TRP A 126 -25.17 37.04 13.94
CA TRP A 126 -26.05 36.24 14.79
C TRP A 126 -25.60 36.41 16.24
N PRO A 127 -25.85 37.57 16.84
CA PRO A 127 -25.36 37.80 18.20
C PRO A 127 -26.20 37.17 19.30
N GLU A 128 -27.37 36.61 18.99
CA GLU A 128 -28.23 36.00 19.99
C GLU A 128 -28.24 34.48 19.90
N LEU A 129 -27.14 33.90 19.44
CA LEU A 129 -27.04 32.44 19.32
C LEU A 129 -26.47 31.81 20.59
N ILE A 130 -25.26 32.20 20.98
CA ILE A 130 -24.61 31.57 22.12
C ILE A 130 -25.41 31.74 23.41
N PRO A 131 -25.95 32.92 23.74
CA PRO A 131 -26.82 32.99 24.93
C PRO A 131 -27.99 32.03 24.88
N GLN A 132 -28.59 31.83 23.71
CA GLN A 132 -29.71 30.90 23.60
C GLN A 132 -29.28 29.47 23.89
N LEU A 133 -28.14 29.05 23.34
CA LEU A 133 -27.66 27.69 23.59
C LEU A 133 -27.29 27.50 25.05
N VAL A 134 -26.62 28.48 25.66
CA VAL A 134 -26.27 28.38 27.08
C VAL A 134 -27.51 28.30 27.95
N ALA A 135 -28.52 29.12 27.64
CA ALA A 135 -29.76 29.08 28.39
C ALA A 135 -30.46 27.73 28.23
N ASN A 136 -30.41 27.16 27.02
CA ASN A 136 -30.99 25.83 26.82
C ASN A 136 -30.29 24.79 27.67
N VAL A 137 -28.95 24.85 27.73
CA VAL A 137 -28.20 23.85 28.48
C VAL A 137 -28.44 23.98 29.98
N THR A 138 -28.35 25.20 30.51
CA THR A 138 -28.36 25.41 31.95
C THR A 138 -29.76 25.54 32.54
N ASN A 139 -30.79 25.53 31.72
CA ASN A 139 -32.15 25.61 32.26
C ASN A 139 -32.48 24.32 33.01
N PRO A 140 -32.95 24.40 34.26
CA PRO A 140 -33.30 23.18 34.99
C PRO A 140 -34.47 22.42 34.37
N ASN A 141 -35.30 23.06 33.56
CA ASN A 141 -36.47 22.42 32.99
C ASN A 141 -36.27 21.92 31.58
N SER A 142 -35.07 22.05 31.01
CA SER A 142 -34.81 21.57 29.67
C SER A 142 -34.94 20.05 29.64
N THR A 143 -35.56 19.54 28.56
CA THR A 143 -35.74 18.11 28.42
C THR A 143 -34.41 17.46 28.03
N GLU A 144 -34.43 16.13 27.91
CA GLU A 144 -33.23 15.39 27.55
C GLU A 144 -32.76 15.75 26.14
N HIS A 145 -33.68 15.73 25.19
CA HIS A 145 -33.32 15.97 23.79
C HIS A 145 -32.84 17.40 23.58
N MET A 146 -33.43 18.36 24.28
CA MET A 146 -32.99 19.75 24.16
C MET A 146 -31.53 19.90 24.56
N LYS A 147 -31.19 19.38 25.75
CA LYS A 147 -29.81 19.48 26.22
C LYS A 147 -28.86 18.72 25.29
N GLU A 148 -29.27 17.54 24.85
CA GLU A 148 -28.40 16.74 24.00
C GLU A 148 -28.13 17.43 22.66
N SER A 149 -29.18 17.95 22.02
CA SER A 149 -29.02 18.62 20.75
C SER A 149 -28.18 19.89 20.89
N THR A 150 -28.43 20.67 21.94
CA THR A 150 -27.66 21.88 22.12
C THR A 150 -26.19 21.56 22.39
N LEU A 151 -25.92 20.51 23.15
CA LEU A 151 -24.53 20.13 23.39
C LEU A 151 -23.85 19.68 22.10
N GLU A 152 -24.56 18.91 21.27
CA GLU A 152 -24.00 18.53 19.97
C GLU A 152 -23.68 19.76 19.13
N ALA A 153 -24.61 20.73 19.10
CA ALA A 153 -24.38 21.94 18.32
C ALA A 153 -23.19 22.71 18.84
N ILE A 154 -23.05 22.83 20.15
CA ILE A 154 -21.91 23.54 20.74
C ILE A 154 -20.60 22.84 20.36
N GLY A 155 -20.58 21.52 20.45
CA GLY A 155 -19.38 20.79 20.07
C GLY A 155 -19.02 20.99 18.61
N TYR A 156 -20.00 20.93 17.73
CA TYR A 156 -19.73 21.13 16.30
C TYR A 156 -19.22 22.54 16.04
N ILE A 157 -19.83 23.54 16.67
CA ILE A 157 -19.41 24.92 16.45
C ILE A 157 -17.97 25.10 16.90
N CYS A 158 -17.63 24.59 18.08
CA CYS A 158 -16.27 24.76 18.58
C CYS A 158 -15.27 23.96 17.79
N GLN A 159 -15.69 22.86 17.16
CA GLN A 159 -14.78 22.07 16.36
C GLN A 159 -14.51 22.72 14.99
N ASP A 160 -15.53 23.32 14.39
CA ASP A 160 -15.42 23.80 13.01
C ASP A 160 -14.93 25.23 12.91
N ILE A 161 -15.45 26.13 13.74
CA ILE A 161 -15.17 27.57 13.58
C ILE A 161 -13.68 27.84 13.83
N ASP A 162 -13.26 29.03 13.40
CA ASP A 162 -11.89 29.45 13.65
C ASP A 162 -11.67 29.64 15.15
N PRO A 163 -10.49 29.28 15.66
CA PRO A 163 -10.27 29.37 17.12
C PRO A 163 -10.30 30.78 17.68
N GLU A 164 -10.08 31.81 16.86
CA GLU A 164 -9.94 33.17 17.36
C GLU A 164 -11.22 33.98 17.23
N GLN A 165 -12.35 33.35 16.91
CA GLN A 165 -13.59 34.10 16.74
C GLN A 165 -14.42 34.18 18.02
N LEU A 166 -14.41 33.12 18.84
CA LEU A 166 -15.24 33.06 20.04
C LEU A 166 -14.42 33.16 21.32
N GLN A 167 -13.23 33.76 21.26
CA GLN A 167 -12.38 33.83 22.44
C GLN A 167 -13.01 34.64 23.56
N ASP A 168 -13.97 35.50 23.26
CA ASP A 168 -14.61 36.33 24.28
C ASP A 168 -15.82 35.66 24.93
N LYS A 169 -16.25 34.51 24.43
CA LYS A 169 -17.39 33.81 25.00
C LYS A 169 -17.10 32.33 25.18
N SER A 170 -15.82 31.98 25.39
CA SER A 170 -15.46 30.58 25.60
C SER A 170 -15.81 30.10 26.99
N ASN A 171 -15.78 31.00 27.98
CA ASN A 171 -16.03 30.60 29.36
C ASN A 171 -17.46 30.09 29.55
N GLU A 172 -18.44 30.77 28.94
CA GLU A 172 -19.82 30.29 29.02
C GLU A 172 -19.97 28.95 28.34
N ILE A 173 -19.28 28.76 27.21
CA ILE A 173 -19.32 27.49 26.51
C ILE A 173 -18.78 26.37 27.40
N LEU A 174 -17.65 26.61 28.04
CA LEU A 174 -17.07 25.61 28.94
C LEU A 174 -18.00 25.34 30.11
N THR A 175 -18.61 26.38 30.67
CA THR A 175 -19.51 26.18 31.80
C THR A 175 -20.71 25.34 31.39
N ALA A 176 -21.27 25.58 30.20
CA ALA A 176 -22.39 24.77 29.75
C ALA A 176 -21.98 23.32 29.53
N ILE A 177 -20.80 23.10 28.92
CA ILE A 177 -20.33 21.73 28.71
C ILE A 177 -20.15 21.01 30.03
N ILE A 178 -19.51 21.67 30.99
CA ILE A 178 -19.27 21.06 32.29
C ILE A 178 -20.58 20.80 33.02
N GLN A 179 -21.54 21.72 32.91
CA GLN A 179 -22.85 21.51 33.50
C GLN A 179 -23.52 20.27 32.94
N GLY A 180 -23.39 20.06 31.62
CA GLY A 180 -23.93 18.84 31.05
C GLY A 180 -23.14 17.60 31.41
N MET A 181 -21.87 17.76 31.77
CA MET A 181 -20.96 16.65 32.03
C MET A 181 -20.89 16.27 33.50
N ARG A 182 -21.62 16.95 34.38
CA ARG A 182 -21.48 16.74 35.81
C ARG A 182 -22.14 15.41 36.23
N LYS A 183 -21.92 15.07 37.50
CA LYS A 183 -22.31 13.76 38.02
C LYS A 183 -23.82 13.64 38.24
N GLU A 184 -24.50 14.74 38.54
CA GLU A 184 -25.90 14.71 38.94
C GLU A 184 -26.86 14.65 37.77
N GLU A 185 -26.37 14.53 36.55
CA GLU A 185 -27.25 14.48 35.39
C GLU A 185 -28.10 13.21 35.41
N PRO A 186 -29.42 13.30 35.34
CA PRO A 186 -30.25 12.10 35.38
C PRO A 186 -30.02 11.14 34.22
N SER A 187 -29.66 11.64 33.04
CA SER A 187 -29.61 10.84 31.83
C SER A 187 -28.17 10.59 31.40
N ASN A 188 -27.88 9.34 31.04
CA ASN A 188 -26.55 9.00 30.55
C ASN A 188 -26.32 9.51 29.14
N ASN A 189 -27.38 9.67 28.35
CA ASN A 189 -27.23 10.22 27.01
C ASN A 189 -26.70 11.64 27.04
N VAL A 190 -27.19 12.45 27.98
CA VAL A 190 -26.71 13.82 28.11
C VAL A 190 -25.25 13.82 28.52
N LYS A 191 -24.86 12.94 29.44
CA LYS A 191 -23.46 12.85 29.83
C LYS A 191 -22.57 12.46 28.65
N LEU A 192 -23.03 11.50 27.85
CA LEU A 192 -22.26 11.08 26.68
C LEU A 192 -22.13 12.22 25.67
N ALA A 193 -23.22 12.94 25.43
CA ALA A 193 -23.16 14.08 24.51
C ALA A 193 -22.22 15.16 25.02
N ALA A 194 -22.25 15.44 26.32
CA ALA A 194 -21.37 16.45 26.89
C ALA A 194 -19.91 16.02 26.80
N THR A 195 -19.63 14.74 27.06
CA THR A 195 -18.25 14.26 26.96
C THR A 195 -17.75 14.34 25.53
N ASN A 196 -18.59 13.97 24.56
CA ASN A 196 -18.20 14.09 23.16
C ASN A 196 -17.99 15.55 22.76
N ALA A 197 -18.86 16.44 23.25
CA ALA A 197 -18.71 17.86 22.95
C ALA A 197 -17.41 18.41 23.51
N LEU A 198 -17.04 18.00 24.72
CA LEU A 198 -15.75 18.41 25.27
C LEU A 198 -14.61 17.83 24.46
N LEU A 199 -14.76 16.60 23.98
CA LEU A 199 -13.72 16.00 23.15
C LEU A 199 -13.51 16.78 21.86
N ASN A 200 -14.61 17.22 21.25
CA ASN A 200 -14.51 17.98 20.01
C ASN A 200 -13.86 19.34 20.22
N SER A 201 -14.04 19.94 21.39
CA SER A 201 -13.64 21.32 21.65
C SER A 201 -12.41 21.41 22.54
N LEU A 202 -11.47 20.50 22.39
CA LEU A 202 -10.26 20.55 23.21
C LEU A 202 -9.20 21.47 22.64
N GLU A 203 -9.15 21.64 21.31
CA GLU A 203 -8.25 22.63 20.73
C GLU A 203 -8.77 24.05 20.90
N PHE A 204 -10.09 24.21 20.89
CA PHE A 204 -10.67 25.54 21.02
C PHE A 204 -10.42 26.15 22.39
N THR A 205 -10.33 25.32 23.43
CA THR A 205 -10.17 25.79 24.80
C THR A 205 -8.71 25.89 25.22
N LYS A 206 -7.81 26.16 24.28
CA LYS A 206 -6.40 26.26 24.62
C LYS A 206 -6.15 27.42 25.60
N ALA A 207 -6.87 28.52 25.43
CA ALA A 207 -6.67 29.67 26.32
C ALA A 207 -7.17 29.38 27.73
N ASN A 208 -8.22 28.58 27.87
CA ASN A 208 -8.73 28.26 29.20
C ASN A 208 -7.79 27.34 29.96
N PHE A 209 -7.12 26.42 29.27
CA PHE A 209 -6.21 25.50 29.94
C PHE A 209 -5.00 26.18 30.53
N ASP A 210 -4.73 27.43 30.17
CA ASP A 210 -3.62 28.17 30.76
C ASP A 210 -3.99 28.84 32.08
N LYS A 211 -5.25 28.73 32.51
CA LYS A 211 -5.69 29.24 33.80
C LYS A 211 -5.93 28.08 34.75
N GLU A 212 -5.30 28.13 35.92
CA GLU A 212 -5.36 27.02 36.86
C GLU A 212 -6.78 26.79 37.36
N SER A 213 -7.51 27.86 37.65
CA SER A 213 -8.86 27.73 38.18
C SER A 213 -9.79 27.02 37.20
N GLU A 214 -9.54 27.11 35.91
CA GLU A 214 -10.30 26.38 34.90
C GLU A 214 -9.76 24.99 34.64
N ARG A 215 -8.44 24.85 34.61
CA ARG A 215 -7.83 23.54 34.37
C ARG A 215 -8.22 22.56 35.47
N HIS A 216 -8.22 23.01 36.72
CA HIS A 216 -8.62 22.14 37.82
C HIS A 216 -10.06 21.66 37.66
N PHE A 217 -10.97 22.56 37.29
CA PHE A 217 -12.36 22.16 37.08
C PHE A 217 -12.51 21.17 35.94
N ILE A 218 -11.83 21.41 34.82
CA ILE A 218 -11.91 20.49 33.69
C ILE A 218 -11.39 19.11 34.08
N MET A 219 -10.22 19.07 34.72
CA MET A 219 -9.63 17.79 35.09
C MET A 219 -10.49 17.06 36.11
N GLN A 220 -11.06 17.79 37.07
CA GLN A 220 -11.92 17.17 38.06
C GLN A 220 -13.14 16.54 37.41
N VAL A 221 -13.78 17.25 36.49
CA VAL A 221 -14.98 16.70 35.85
C VAL A 221 -14.63 15.50 34.99
N VAL A 222 -13.49 15.53 34.31
CA VAL A 222 -13.10 14.39 33.48
C VAL A 222 -12.81 13.17 34.35
N CYS A 223 -12.03 13.35 35.41
CA CYS A 223 -11.68 12.25 36.30
C CYS A 223 -12.87 11.75 37.10
N GLU A 224 -13.92 12.56 37.21
CA GLU A 224 -15.16 12.10 37.82
C GLU A 224 -16.10 11.41 36.86
N ALA A 225 -16.07 11.75 35.58
CA ALA A 225 -16.82 11.01 34.57
C ALA A 225 -16.19 9.67 34.24
N THR A 226 -14.88 9.52 34.48
CA THR A 226 -14.25 8.21 34.27
C THR A 226 -14.85 7.14 35.17
N GLN A 227 -15.55 7.51 36.24
CA GLN A 227 -16.12 6.57 37.19
C GLN A 227 -17.60 6.33 36.97
N CYS A 228 -18.14 6.76 35.83
CA CYS A 228 -19.56 6.57 35.57
C CYS A 228 -19.89 5.08 35.44
N PRO A 229 -21.04 4.64 35.92
CA PRO A 229 -21.40 3.23 35.77
C PRO A 229 -21.86 2.86 34.37
N ASP A 230 -21.67 3.75 33.40
CA ASP A 230 -22.02 3.49 32.02
C ASP A 230 -20.75 3.34 31.21
N THR A 231 -20.67 2.26 30.42
CA THR A 231 -19.43 1.94 29.71
C THR A 231 -19.07 3.01 28.68
N ARG A 232 -20.07 3.49 27.95
CA ARG A 232 -19.81 4.46 26.89
C ARG A 232 -19.23 5.75 27.45
N VAL A 233 -19.77 6.23 28.57
CA VAL A 233 -19.25 7.44 29.18
C VAL A 233 -17.83 7.22 29.69
N ARG A 234 -17.55 6.04 30.25
CA ARG A 234 -16.20 5.74 30.69
C ARG A 234 -15.22 5.79 29.52
N VAL A 235 -15.59 5.17 28.40
CA VAL A 235 -14.70 5.15 27.25
C VAL A 235 -14.49 6.56 26.70
N ALA A 236 -15.57 7.35 26.64
CA ALA A 236 -15.45 8.72 26.16
C ALA A 236 -14.54 9.54 27.05
N ALA A 237 -14.67 9.38 28.37
CA ALA A 237 -13.82 10.12 29.29
C ALA A 237 -12.36 9.68 29.18
N LEU A 238 -12.12 8.39 28.97
CA LEU A 238 -10.76 7.91 28.79
C LEU A 238 -10.15 8.46 27.50
N GLN A 239 -10.95 8.54 26.44
CA GLN A 239 -10.49 9.17 25.20
C GLN A 239 -10.17 10.64 25.44
N ASN A 240 -10.99 11.31 26.24
CA ASN A 240 -10.71 12.69 26.63
C ASN A 240 -9.36 12.79 27.33
N LEU A 241 -9.08 11.88 28.26
CA LEU A 241 -7.81 11.90 28.97
C LEU A 241 -6.64 11.69 28.02
N VAL A 242 -6.79 10.76 27.07
CA VAL A 242 -5.72 10.51 26.10
C VAL A 242 -5.44 11.75 25.27
N LYS A 243 -6.50 12.40 24.77
CA LYS A 243 -6.29 13.59 23.95
C LYS A 243 -5.73 14.74 24.77
N ILE A 244 -6.14 14.87 26.03
CA ILE A 244 -5.60 15.92 26.90
C ILE A 244 -4.12 15.69 27.11
N MET A 245 -3.72 14.44 27.34
CA MET A 245 -2.30 14.13 27.46
C MET A 245 -1.54 14.47 26.18
N SER A 246 -2.16 14.21 25.03
CA SER A 246 -1.51 14.55 23.76
C SER A 246 -1.32 16.06 23.62
N LEU A 247 -2.33 16.84 23.99
CA LEU A 247 -2.31 18.29 23.76
C LEU A 247 -1.63 19.06 24.87
N TYR A 248 -1.82 18.68 26.13
CA TYR A 248 -1.42 19.47 27.28
C TYR A 248 -0.53 18.66 28.21
N TYR A 249 0.49 18.01 27.62
CA TYR A 249 1.39 17.17 28.41
C TYR A 249 2.06 17.96 29.53
N GLN A 250 2.33 19.25 29.33
CA GLN A 250 3.11 20.01 30.29
C GLN A 250 2.34 20.34 31.56
N TYR A 251 1.03 20.14 31.60
CA TYR A 251 0.22 20.51 32.75
C TYR A 251 -0.29 19.29 33.52
N MET A 252 0.19 18.09 33.20
CA MET A 252 -0.32 16.87 33.81
C MET A 252 0.46 16.43 35.03
N GLU A 253 1.55 17.13 35.37
CA GLU A 253 2.35 16.71 36.51
C GLU A 253 1.58 16.81 37.82
N THR A 254 0.64 17.76 37.91
CA THR A 254 -0.15 17.92 39.12
C THR A 254 -1.15 16.78 39.29
N TYR A 255 -1.72 16.29 38.20
CA TYR A 255 -2.78 15.29 38.26
C TYR A 255 -2.28 13.88 38.00
N MET A 256 -1.02 13.71 37.62
CA MET A 256 -0.51 12.38 37.29
C MET A 256 -0.49 11.48 38.52
N GLY A 257 -0.02 12.00 39.65
CA GLY A 257 0.10 11.22 40.85
C GLY A 257 -1.22 10.84 41.49
N PRO A 258 -1.94 11.83 42.01
CA PRO A 258 -3.13 11.52 42.82
C PRO A 258 -4.32 11.00 42.03
N ALA A 259 -4.47 11.37 40.77
CA ALA A 259 -5.72 11.08 40.05
C ALA A 259 -5.55 10.13 38.88
N LEU A 260 -4.66 10.45 37.93
CA LEU A 260 -4.67 9.71 36.66
C LEU A 260 -4.15 8.29 36.81
N PHE A 261 -3.12 8.10 37.64
CA PHE A 261 -2.44 6.81 37.72
C PHE A 261 -3.41 5.71 38.10
N ALA A 262 -4.16 5.91 39.18
CA ALA A 262 -5.08 4.88 39.65
C ALA A 262 -6.16 4.58 38.62
N ILE A 263 -6.69 5.63 37.99
CA ILE A 263 -7.78 5.43 37.02
C ILE A 263 -7.29 4.61 35.83
N THR A 264 -6.13 4.98 35.28
CA THR A 264 -5.62 4.22 34.13
C THR A 264 -5.26 2.79 34.51
N ILE A 265 -4.63 2.60 35.67
CA ILE A 265 -4.27 1.24 36.09
C ILE A 265 -5.52 0.39 36.27
N GLU A 266 -6.55 0.94 36.90
CA GLU A 266 -7.78 0.18 37.07
C GLU A 266 -8.50 -0.05 35.75
N ALA A 267 -8.28 0.83 34.76
CA ALA A 267 -8.86 0.60 33.44
C ALA A 267 -8.17 -0.56 32.74
N MET A 268 -6.83 -0.65 32.85
CA MET A 268 -6.11 -1.72 32.18
C MET A 268 -6.48 -3.11 32.71
N LYS A 269 -7.02 -3.20 33.92
CA LYS A 269 -7.43 -4.47 34.51
C LYS A 269 -8.89 -4.81 34.26
N SER A 270 -9.61 -3.99 33.51
CA SER A 270 -11.04 -4.18 33.38
C SER A 270 -11.37 -5.40 32.53
N ASP A 271 -12.52 -6.01 32.82
CA ASP A 271 -13.00 -7.14 32.04
C ASP A 271 -13.55 -6.68 30.70
N ILE A 272 -14.01 -5.45 30.60
CA ILE A 272 -14.62 -4.94 29.38
C ILE A 272 -13.53 -4.53 28.40
N ASP A 273 -13.65 -4.98 27.15
CA ASP A 273 -12.56 -4.84 26.19
C ASP A 273 -12.30 -3.38 25.84
N GLU A 274 -13.35 -2.58 25.67
CA GLU A 274 -13.16 -1.17 25.30
C GLU A 274 -12.40 -0.41 26.38
N VAL A 275 -12.76 -0.63 27.64
CA VAL A 275 -12.10 0.07 28.73
C VAL A 275 -10.64 -0.32 28.82
N ALA A 276 -10.35 -1.62 28.70
CA ALA A 276 -8.96 -2.08 28.74
C ALA A 276 -8.17 -1.52 27.57
N LEU A 277 -8.77 -1.49 26.38
CA LEU A 277 -8.10 -0.93 25.22
C LEU A 277 -7.75 0.53 25.43
N GLN A 278 -8.68 1.32 25.99
CA GLN A 278 -8.39 2.73 26.22
C GLN A 278 -7.34 2.90 27.31
N GLY A 279 -7.38 2.06 28.35
CA GLY A 279 -6.36 2.14 29.37
C GLY A 279 -4.97 1.86 28.84
N ILE A 280 -4.86 0.86 27.97
CA ILE A 280 -3.56 0.56 27.36
C ILE A 280 -3.14 1.68 26.41
N GLU A 281 -4.11 2.23 25.67
CA GLU A 281 -3.79 3.30 24.73
C GLU A 281 -3.30 4.54 25.44
N PHE A 282 -3.79 4.79 26.66
CA PHE A 282 -3.27 5.91 27.44
C PHE A 282 -1.75 5.84 27.56
N TRP A 283 -1.23 4.68 27.97
CA TRP A 283 0.20 4.56 28.18
C TRP A 283 0.98 4.40 26.88
N SER A 284 0.37 3.81 25.85
CA SER A 284 1.01 3.82 24.53
C SER A 284 1.20 5.26 24.04
N ASN A 285 0.18 6.09 24.20
CA ASN A 285 0.29 7.50 23.83
C ASN A 285 1.33 8.22 24.68
N VAL A 286 1.40 7.89 25.97
CA VAL A 286 2.43 8.50 26.82
C VAL A 286 3.81 8.14 26.30
N CYS A 287 4.01 6.88 25.90
CA CYS A 287 5.30 6.47 25.36
C CYS A 287 5.61 7.20 24.06
N ASP A 288 4.61 7.37 23.19
CA ASP A 288 4.82 8.13 21.95
C ASP A 288 5.25 9.56 22.24
N GLU A 289 4.55 10.22 23.16
CA GLU A 289 4.88 11.60 23.49
C GLU A 289 6.29 11.70 24.08
N GLU A 290 6.65 10.77 24.96
CA GLU A 290 7.97 10.85 25.56
C GLU A 290 9.08 10.50 24.58
N MET A 291 8.82 9.63 23.60
CA MET A 291 9.80 9.41 22.56
C MET A 291 10.00 10.66 21.70
N ASP A 292 8.90 11.35 21.37
CA ASP A 292 9.03 12.60 20.65
C ASP A 292 9.83 13.62 21.46
N LEU A 293 9.55 13.71 22.76
CA LEU A 293 10.29 14.63 23.61
C LEU A 293 11.76 14.27 23.70
N ALA A 294 12.07 12.96 23.73
CA ALA A 294 13.46 12.54 23.74
C ALA A 294 14.17 12.92 22.45
N ILE A 295 13.50 12.75 21.31
CA ILE A 295 14.08 13.18 20.04
C ILE A 295 14.33 14.68 20.06
N GLU A 296 13.36 15.45 20.55
CA GLU A 296 13.52 16.90 20.63
C GLU A 296 14.70 17.28 21.54
N ALA A 297 14.82 16.61 22.68
CA ALA A 297 15.92 16.91 23.59
C ALA A 297 17.27 16.56 22.98
N SER A 298 17.34 15.43 22.26
CA SER A 298 18.59 15.07 21.58
C SER A 298 18.95 16.10 20.52
N GLU A 299 17.95 16.56 19.75
CA GLU A 299 18.22 17.59 18.75
C GLU A 299 18.69 18.88 19.39
N ALA A 300 18.08 19.26 20.52
CA ALA A 300 18.49 20.47 21.22
C ALA A 300 19.92 20.33 21.75
N ALA A 301 20.25 19.16 22.28
CA ALA A 301 21.62 18.94 22.77
C ALA A 301 22.63 19.00 21.64
N GLU A 302 22.29 18.43 20.49
CA GLU A 302 23.19 18.53 19.33
C GLU A 302 23.34 19.98 18.88
N GLN A 303 22.24 20.72 18.88
CA GLN A 303 22.29 22.14 18.50
C GLN A 303 23.11 22.94 19.51
N GLY A 304 22.93 22.66 20.80
CA GLY A 304 23.66 23.36 21.84
C GLY A 304 22.80 24.31 22.63
N ARG A 305 21.50 24.02 22.72
CA ARG A 305 20.56 24.84 23.46
C ARG A 305 19.73 23.96 24.37
N PRO A 306 19.21 24.52 25.46
CA PRO A 306 18.28 23.76 26.31
C PRO A 306 17.01 23.42 25.54
N PRO A 307 16.44 22.24 25.77
CA PRO A 307 15.23 21.86 25.04
C PRO A 307 14.07 22.79 25.36
N GLU A 308 13.24 23.03 24.35
CA GLU A 308 12.05 23.87 24.56
C GLU A 308 11.08 23.20 25.51
N HIS A 309 10.96 21.87 25.44
CA HIS A 309 10.17 21.09 26.37
C HIS A 309 11.05 20.01 26.99
N THR A 310 10.81 19.72 28.26
CA THR A 310 11.53 18.67 28.97
C THR A 310 10.56 17.60 29.40
N SER A 311 10.91 16.34 29.15
CA SER A 311 10.04 15.24 29.52
C SER A 311 10.08 15.02 31.02
N LYS A 312 9.09 14.26 31.52
CA LYS A 312 9.00 13.94 32.93
C LYS A 312 9.01 12.44 33.20
N PHE A 313 9.09 11.61 32.17
CA PHE A 313 9.33 10.17 32.31
C PHE A 313 8.27 9.50 33.18
N TYR A 314 7.03 9.51 32.69
CA TYR A 314 5.95 8.85 33.41
C TYR A 314 6.03 7.34 33.27
N ALA A 315 6.34 6.85 32.06
CA ALA A 315 6.42 5.41 31.86
C ALA A 315 7.56 4.80 32.66
N LYS A 316 8.69 5.50 32.73
CA LYS A 316 9.81 5.01 33.53
C LYS A 316 9.42 4.89 34.99
N GLY A 317 8.48 5.70 35.46
CA GLY A 317 8.04 5.63 36.83
C GLY A 317 6.90 4.67 37.06
N ALA A 318 6.20 4.29 35.99
CA ALA A 318 5.07 3.39 36.11
C ALA A 318 5.36 1.97 35.65
N LEU A 319 6.58 1.70 35.17
CA LEU A 319 6.93 0.37 34.67
C LEU A 319 6.59 -0.74 35.66
N GLN A 320 6.90 -0.52 36.95
CA GLN A 320 6.76 -1.58 37.95
C GLN A 320 5.34 -2.13 37.99
N TYR A 321 4.35 -1.27 37.80
CA TYR A 321 2.96 -1.70 37.81
C TYR A 321 2.39 -1.94 36.41
N LEU A 322 3.03 -1.38 35.38
CA LEU A 322 2.56 -1.61 34.02
C LEU A 322 2.89 -3.02 33.55
N VAL A 323 4.12 -3.48 33.81
CA VAL A 323 4.58 -4.73 33.20
C VAL A 323 3.75 -5.94 33.61
N PRO A 324 3.48 -6.18 34.90
CA PRO A 324 2.67 -7.36 35.25
C PRO A 324 1.29 -7.37 34.63
N ILE A 325 0.63 -6.23 34.53
CA ILE A 325 -0.71 -6.20 33.93
C ILE A 325 -0.65 -6.56 32.46
N LEU A 326 0.34 -6.03 31.74
CA LEU A 326 0.49 -6.35 30.33
C LEU A 326 0.78 -7.83 30.13
N THR A 327 1.72 -8.37 30.90
CA THR A 327 2.07 -9.79 30.75
C THR A 327 0.90 -10.67 31.15
N GLN A 328 0.05 -10.22 32.05
CA GLN A 328 -1.14 -11.01 32.38
C GLN A 328 -2.17 -10.95 31.25
N THR A 329 -2.36 -9.77 30.65
CA THR A 329 -3.29 -9.66 29.53
C THR A 329 -2.81 -10.42 28.31
N LEU A 330 -1.51 -10.68 28.20
CA LEU A 330 -0.99 -11.49 27.10
C LEU A 330 -1.49 -12.92 27.13
N THR A 331 -2.08 -13.38 28.24
CA THR A 331 -2.61 -14.73 28.36
C THR A 331 -4.08 -14.82 27.99
N LYS A 332 -4.70 -13.74 27.53
CA LYS A 332 -6.12 -13.75 27.18
C LYS A 332 -6.27 -14.15 25.72
N GLN A 333 -6.18 -15.46 25.48
CA GLN A 333 -6.24 -15.96 24.11
C GLN A 333 -7.27 -17.07 23.97
N ASP A 334 -7.32 -17.68 22.79
CA ASP A 334 -8.23 -18.78 22.52
C ASP A 334 -7.59 -19.68 21.48
N GLU A 335 -8.12 -20.90 21.37
CA GLU A 335 -7.54 -21.87 20.43
C GLU A 335 -7.70 -21.40 18.99
N ASN A 336 -8.91 -20.96 18.62
CA ASN A 336 -9.20 -20.51 17.27
C ASN A 336 -9.40 -19.00 17.30
N ASP A 337 -8.29 -18.27 17.16
CA ASP A 337 -8.32 -16.82 17.14
C ASP A 337 -7.47 -16.31 15.99
N ASP A 338 -7.81 -15.14 15.50
CA ASP A 338 -7.07 -14.50 14.41
C ASP A 338 -5.94 -13.66 14.98
N ASP A 339 -4.79 -13.71 14.32
CA ASP A 339 -3.62 -13.00 14.80
C ASP A 339 -3.85 -11.49 14.83
N ASP A 340 -4.48 -10.96 13.78
CA ASP A 340 -4.74 -9.53 13.65
C ASP A 340 -6.23 -9.29 13.89
N ASP A 341 -6.60 -9.08 15.15
CA ASP A 341 -7.98 -8.85 15.52
C ASP A 341 -8.17 -7.61 16.39
N TRP A 342 -7.10 -7.03 16.91
CA TRP A 342 -7.15 -5.82 17.73
C TRP A 342 -8.10 -5.98 18.92
N ASN A 343 -7.73 -6.89 19.81
CA ASN A 343 -8.35 -7.06 21.11
C ASN A 343 -7.32 -6.64 22.14
N PRO A 344 -7.64 -6.62 23.44
CA PRO A 344 -6.63 -6.22 24.44
C PRO A 344 -5.34 -7.04 24.38
N CYS A 345 -5.43 -8.33 24.04
CA CYS A 345 -4.22 -9.14 23.91
C CYS A 345 -3.30 -8.61 22.82
N LYS A 346 -3.88 -8.22 21.68
CA LYS A 346 -3.08 -7.66 20.59
C LYS A 346 -2.47 -6.33 20.99
N ALA A 347 -3.23 -5.49 21.70
CA ALA A 347 -2.73 -4.15 22.06
C ALA A 347 -1.65 -4.22 23.13
N ALA A 348 -1.71 -5.24 23.99
CA ALA A 348 -0.72 -5.35 25.06
C ALA A 348 0.68 -5.58 24.51
N GLY A 349 0.79 -6.38 23.45
CA GLY A 349 2.09 -6.59 22.84
C GLY A 349 2.66 -5.32 22.23
N VAL A 350 1.82 -4.55 21.55
CA VAL A 350 2.27 -3.28 20.98
C VAL A 350 2.73 -2.35 22.09
N CYS A 351 1.97 -2.29 23.17
CA CYS A 351 2.35 -1.42 24.30
C CYS A 351 3.65 -1.88 24.92
N LEU A 352 3.86 -3.20 25.02
CA LEU A 352 5.08 -3.71 25.62
C LEU A 352 6.29 -3.42 24.75
N MET A 353 6.14 -3.55 23.42
CA MET A 353 7.23 -3.18 22.53
C MET A 353 7.54 -1.69 22.61
N LEU A 354 6.49 -0.86 22.71
CA LEU A 354 6.70 0.57 22.89
C LEU A 354 7.45 0.86 24.19
N LEU A 355 7.06 0.20 25.27
CA LEU A 355 7.72 0.39 26.55
C LEU A 355 9.18 -0.02 26.47
N ALA A 356 9.46 -1.13 25.79
CA ALA A 356 10.85 -1.55 25.62
C ALA A 356 11.65 -0.51 24.87
N THR A 357 11.15 -0.06 23.72
CA THR A 357 11.88 0.92 22.92
C THR A 357 12.04 2.24 23.65
N CYS A 358 11.12 2.54 24.57
CA CYS A 358 11.16 3.81 25.29
C CYS A 358 12.04 3.77 26.54
N CYS A 359 12.10 2.63 27.23
CA CYS A 359 12.79 2.55 28.51
C CYS A 359 14.13 1.83 28.46
N GLU A 360 14.41 1.05 27.42
CA GLU A 360 15.71 0.40 27.21
C GLU A 360 15.96 -0.59 28.36
N ASP A 361 17.05 -0.48 29.09
CA ASP A 361 17.49 -1.55 29.98
C ASP A 361 16.64 -1.69 31.23
N ASP A 362 15.73 -0.76 31.50
CA ASP A 362 14.98 -0.78 32.75
C ASP A 362 13.79 -1.72 32.74
N ILE A 363 13.52 -2.38 31.61
CA ILE A 363 12.37 -3.27 31.53
C ILE A 363 12.75 -4.75 31.67
N VAL A 364 14.03 -5.08 31.51
CA VAL A 364 14.44 -6.49 31.58
C VAL A 364 14.17 -7.10 32.95
N PRO A 365 14.58 -6.49 34.08
CA PRO A 365 14.31 -7.12 35.38
C PRO A 365 12.83 -7.22 35.72
N HIS A 366 12.00 -6.32 35.18
CA HIS A 366 10.58 -6.37 35.48
C HIS A 366 9.85 -7.43 34.69
N VAL A 367 10.48 -8.02 33.68
CA VAL A 367 9.84 -9.03 32.85
C VAL A 367 10.51 -10.39 32.95
N LEU A 368 11.75 -10.47 33.44
CA LEU A 368 12.42 -11.76 33.54
C LEU A 368 11.71 -12.77 34.44
N PRO A 369 11.24 -12.42 35.65
CA PRO A 369 10.59 -13.44 36.48
C PRO A 369 9.37 -14.10 35.85
N PHE A 370 8.56 -13.34 35.10
CA PHE A 370 7.40 -13.94 34.44
C PHE A 370 7.84 -14.98 33.41
N ILE A 371 8.87 -14.65 32.63
CA ILE A 371 9.40 -15.59 31.64
C ILE A 371 9.92 -16.83 32.34
N LYS A 372 10.78 -16.65 33.35
CA LYS A 372 11.40 -17.79 33.99
C LYS A 372 10.42 -18.62 34.79
N GLU A 373 9.26 -18.07 35.14
CA GLU A 373 8.28 -18.85 35.88
C GLU A 373 7.34 -19.61 34.96
N HIS A 374 6.79 -18.96 33.94
CA HIS A 374 5.72 -19.56 33.16
C HIS A 374 6.19 -20.20 31.86
N ILE A 375 7.50 -20.30 31.63
CA ILE A 375 8.00 -20.89 30.40
C ILE A 375 7.79 -22.40 30.36
N LYS A 376 7.39 -23.02 31.47
CA LYS A 376 7.11 -24.45 31.51
C LYS A 376 5.75 -24.72 32.14
N ASN A 377 4.84 -23.76 32.05
CA ASN A 377 3.53 -23.94 32.65
C ASN A 377 2.73 -25.01 31.90
N PRO A 378 1.95 -25.82 32.61
CA PRO A 378 1.11 -26.81 31.92
C PRO A 378 0.05 -26.20 31.01
N ASP A 379 -0.33 -24.95 31.22
CA ASP A 379 -1.32 -24.30 30.39
C ASP A 379 -0.61 -23.57 29.24
N TRP A 380 -1.03 -23.88 28.00
CA TRP A 380 -0.32 -23.36 26.84
C TRP A 380 -0.40 -21.85 26.74
N ARG A 381 -1.43 -21.23 27.33
CA ARG A 381 -1.56 -19.78 27.28
C ARG A 381 -0.39 -19.10 27.96
N TYR A 382 0.05 -19.63 29.11
CA TYR A 382 1.12 -18.97 29.83
C TYR A 382 2.47 -19.18 29.17
N ARG A 383 2.71 -20.36 28.59
CA ARG A 383 3.93 -20.56 27.82
C ARG A 383 3.96 -19.63 26.61
N ASP A 384 2.82 -19.51 25.92
CA ASP A 384 2.73 -18.61 24.78
C ASP A 384 2.99 -17.17 25.19
N ALA A 385 2.41 -16.75 26.32
CA ALA A 385 2.65 -15.40 26.82
C ALA A 385 4.11 -15.20 27.17
N ALA A 386 4.76 -16.22 27.75
CA ALA A 386 6.17 -16.09 28.12
C ALA A 386 7.04 -15.90 26.89
N VAL A 387 6.86 -16.72 25.86
CA VAL A 387 7.68 -16.57 24.67
C VAL A 387 7.35 -15.27 23.94
N MET A 388 6.08 -14.87 23.95
CA MET A 388 5.70 -13.61 23.31
C MET A 388 6.36 -12.42 24.00
N ALA A 389 6.35 -12.40 25.33
CA ALA A 389 7.01 -11.32 26.06
C ALA A 389 8.50 -11.33 25.81
N PHE A 390 9.11 -12.52 25.77
CA PHE A 390 10.53 -12.61 25.48
C PHE A 390 10.85 -12.02 24.11
N GLY A 391 10.01 -12.31 23.13
CA GLY A 391 10.21 -11.74 21.81
C GLY A 391 9.99 -10.23 21.79
N CYS A 392 9.01 -9.75 22.55
CA CYS A 392 8.69 -8.32 22.52
C CYS A 392 9.79 -7.49 23.14
N ILE A 393 10.45 -7.98 24.19
CA ILE A 393 11.42 -7.15 24.89
C ILE A 393 12.78 -7.14 24.18
N LEU A 394 12.86 -7.75 23.01
CA LEU A 394 14.15 -7.93 22.35
C LEU A 394 14.71 -6.67 21.71
N GLU A 395 13.86 -5.68 21.43
CA GLU A 395 14.27 -4.49 20.69
C GLU A 395 14.32 -3.29 21.64
N GLY A 396 15.51 -2.70 21.77
CA GLY A 396 15.69 -1.54 22.60
C GLY A 396 16.69 -1.68 23.74
N PRO A 397 16.64 -2.79 24.48
CA PRO A 397 17.68 -3.03 25.49
C PRO A 397 19.02 -3.33 24.83
N GLU A 398 20.08 -3.09 25.60
CA GLU A 398 21.43 -3.31 25.10
C GLU A 398 21.63 -4.78 24.76
N PRO A 399 22.29 -5.10 23.65
CA PRO A 399 22.55 -6.51 23.32
C PRO A 399 23.40 -7.22 24.35
N SER A 400 24.36 -6.52 24.96
CA SER A 400 25.23 -7.17 25.94
C SER A 400 24.46 -7.63 27.17
N GLN A 401 23.38 -6.91 27.52
CA GLN A 401 22.55 -7.31 28.63
C GLN A 401 21.61 -8.46 28.28
N LEU A 402 21.34 -8.68 26.99
CA LEU A 402 20.43 -9.73 26.56
C LEU A 402 21.13 -11.01 26.14
N LYS A 403 22.43 -10.96 25.81
CA LYS A 403 23.12 -12.17 25.37
C LYS A 403 23.07 -13.30 26.38
N PRO A 404 23.39 -13.09 27.67
CA PRO A 404 23.28 -14.21 28.62
C PRO A 404 21.89 -14.78 28.71
N LEU A 405 20.85 -13.95 28.61
CA LEU A 405 19.48 -14.44 28.74
C LEU A 405 19.12 -15.36 27.58
N VAL A 406 19.44 -14.95 26.35
CA VAL A 406 19.10 -15.79 25.20
C VAL A 406 19.97 -17.05 25.20
N ILE A 407 21.23 -16.93 25.61
CA ILE A 407 22.08 -18.11 25.70
C ILE A 407 21.50 -19.11 26.70
N GLN A 408 20.99 -18.61 27.82
CA GLN A 408 20.39 -19.49 28.83
C GLN A 408 19.09 -20.10 28.33
N ALA A 409 18.27 -19.34 27.61
CA ALA A 409 16.94 -19.78 27.23
C ALA A 409 16.88 -20.50 25.89
N MET A 410 18.00 -20.58 25.16
CA MET A 410 17.98 -21.22 23.85
C MET A 410 17.48 -22.66 23.88
N PRO A 411 17.93 -23.55 24.78
CA PRO A 411 17.41 -24.92 24.76
C PRO A 411 15.91 -24.99 24.95
N THR A 412 15.35 -24.13 25.80
CA THR A 412 13.91 -24.15 26.02
C THR A 412 13.17 -23.69 24.77
N LEU A 413 13.72 -22.70 24.05
CA LEU A 413 13.10 -22.28 22.80
C LEU A 413 13.14 -23.38 21.76
N ILE A 414 14.27 -24.08 21.65
CA ILE A 414 14.35 -25.20 20.72
C ILE A 414 13.34 -26.27 21.08
N GLU A 415 13.16 -26.54 22.37
CA GLU A 415 12.15 -27.50 22.80
C GLU A 415 10.75 -27.03 22.47
N LEU A 416 10.47 -25.75 22.67
CA LEU A 416 9.15 -25.18 22.39
C LEU A 416 8.85 -25.15 20.90
N MET A 417 9.89 -25.20 20.05
CA MET A 417 9.67 -25.34 18.61
C MET A 417 8.85 -26.58 18.29
N LYS A 418 8.89 -27.59 19.16
CA LYS A 418 8.13 -28.82 18.99
C LYS A 418 6.99 -28.92 19.99
N ASP A 419 6.49 -27.78 20.46
CA ASP A 419 5.41 -27.77 21.45
C ASP A 419 4.15 -28.38 20.84
N PRO A 420 3.35 -29.09 21.64
CA PRO A 420 2.14 -29.71 21.09
C PRO A 420 1.00 -28.75 20.80
N SER A 421 1.26 -27.44 20.86
CA SER A 421 0.25 -26.43 20.57
C SER A 421 0.69 -25.60 19.38
N VAL A 422 -0.23 -25.37 18.45
CA VAL A 422 0.09 -24.65 17.22
C VAL A 422 0.52 -23.22 17.53
N VAL A 423 -0.22 -22.55 18.42
CA VAL A 423 0.05 -21.16 18.73
C VAL A 423 1.43 -21.00 19.35
N VAL A 424 1.79 -21.91 20.26
CA VAL A 424 3.08 -21.84 20.91
C VAL A 424 4.19 -22.03 19.90
N ARG A 425 4.03 -22.98 18.97
CA ARG A 425 5.05 -23.20 17.96
C ARG A 425 5.21 -21.98 17.06
N ASP A 426 4.09 -21.36 16.67
CA ASP A 426 4.17 -20.17 15.83
C ASP A 426 4.89 -19.03 16.55
N THR A 427 4.52 -18.78 17.81
CA THR A 427 5.15 -17.70 18.55
C THR A 427 6.62 -17.99 18.79
N ALA A 428 6.97 -19.25 19.04
CA ALA A 428 8.36 -19.62 19.24
C ALA A 428 9.17 -19.41 17.96
N ALA A 429 8.61 -19.75 16.82
CA ALA A 429 9.30 -19.50 15.55
C ALA A 429 9.52 -18.01 15.33
N TRP A 430 8.50 -17.21 15.63
CA TRP A 430 8.65 -15.76 15.51
C TRP A 430 9.76 -15.24 16.42
N THR A 431 9.78 -15.71 17.67
CA THR A 431 10.80 -15.26 18.61
C THR A 431 12.20 -15.69 18.18
N VAL A 432 12.33 -16.90 17.64
CA VAL A 432 13.64 -17.36 17.18
C VAL A 432 14.11 -16.53 15.99
N GLY A 433 13.20 -16.21 15.07
CA GLY A 433 13.56 -15.33 13.97
C GLY A 433 14.02 -13.97 14.45
N ARG A 434 13.30 -13.41 15.43
CA ARG A 434 13.70 -12.12 15.99
C ARG A 434 15.05 -12.20 16.68
N ILE A 435 15.33 -13.31 17.36
CA ILE A 435 16.63 -13.46 18.01
C ILE A 435 17.74 -13.50 16.96
N CYS A 436 17.52 -14.25 15.89
CA CYS A 436 18.54 -14.35 14.85
C CYS A 436 18.75 -13.02 14.15
N GLU A 437 17.70 -12.24 13.98
CA GLU A 437 17.83 -10.94 13.30
C GLU A 437 18.49 -9.91 14.20
N LEU A 438 17.90 -9.65 15.37
CA LEU A 438 18.33 -8.55 16.22
C LEU A 438 19.62 -8.86 16.97
N LEU A 439 19.83 -10.11 17.35
CA LEU A 439 20.99 -10.52 18.14
C LEU A 439 21.79 -11.53 17.33
N PRO A 440 22.70 -11.07 16.47
CA PRO A 440 23.46 -12.02 15.64
C PRO A 440 24.51 -12.78 16.43
N GLU A 441 25.20 -12.09 17.32
CA GLU A 441 26.34 -12.68 18.03
C GLU A 441 25.88 -13.72 19.05
N ALA A 442 24.58 -13.80 19.28
CA ALA A 442 24.04 -14.72 20.28
C ALA A 442 23.77 -16.10 19.73
N ALA A 443 22.92 -16.22 18.72
CA ALA A 443 22.53 -17.53 18.21
C ALA A 443 23.41 -17.99 17.04
N ILE A 444 24.72 -17.92 17.18
CA ILE A 444 25.63 -18.53 16.22
C ILE A 444 26.68 -19.32 16.97
N ASN A 445 26.76 -19.12 18.28
CA ASN A 445 27.80 -19.75 19.07
C ASN A 445 27.29 -20.00 20.48
N ASP A 446 27.73 -21.10 21.08
CA ASP A 446 28.48 -22.13 20.36
C ASP A 446 27.90 -23.51 20.65
N VAL A 447 27.44 -23.67 21.90
CA VAL A 447 27.04 -24.99 22.39
C VAL A 447 25.65 -25.41 21.95
N TYR A 448 24.88 -24.52 21.31
CA TYR A 448 23.54 -24.88 20.87
C TYR A 448 23.34 -24.61 19.38
N LEU A 449 24.41 -24.44 18.62
CA LEU A 449 24.27 -24.17 17.20
C LEU A 449 23.73 -25.38 16.46
N ALA A 450 24.29 -26.56 16.72
CA ALA A 450 23.86 -27.76 16.00
C ALA A 450 22.40 -28.13 16.27
N PRO A 451 21.92 -28.21 17.51
CA PRO A 451 20.49 -28.48 17.70
C PRO A 451 19.60 -27.39 17.13
N LEU A 452 20.05 -26.14 17.15
CA LEU A 452 19.28 -25.06 16.55
C LEU A 452 19.12 -25.28 15.05
N LEU A 453 20.21 -25.61 14.36
CA LEU A 453 20.13 -25.87 12.93
C LEU A 453 19.25 -27.08 12.65
N GLN A 454 19.38 -28.13 13.46
CA GLN A 454 18.53 -29.31 13.25
C GLN A 454 17.06 -28.98 13.42
N CYS A 455 16.71 -28.20 14.44
CA CYS A 455 15.32 -27.84 14.65
C CYS A 455 14.80 -26.94 13.53
N LEU A 456 15.65 -26.03 13.03
CA LEU A 456 15.24 -25.20 11.91
C LEU A 456 14.97 -26.04 10.66
N ILE A 457 15.87 -26.97 10.36
CA ILE A 457 15.69 -27.82 9.18
C ILE A 457 14.43 -28.67 9.33
N GLU A 458 14.16 -29.17 10.54
CA GLU A 458 12.94 -29.93 10.76
C GLU A 458 11.71 -29.05 10.61
N GLY A 459 11.78 -27.81 11.07
CA GLY A 459 10.66 -26.89 10.97
C GLY A 459 10.42 -26.35 9.59
N LEU A 460 11.39 -26.48 8.68
CA LEU A 460 11.13 -26.12 7.29
C LEU A 460 10.00 -26.93 6.68
N SER A 461 9.63 -28.06 7.29
CA SER A 461 8.52 -28.88 6.86
C SER A 461 7.25 -28.60 7.65
N ALA A 462 7.25 -27.59 8.51
CA ALA A 462 6.11 -27.29 9.36
C ALA A 462 5.07 -26.49 8.57
N GLU A 463 4.12 -25.90 9.28
CA GLU A 463 3.10 -25.08 8.63
C GLU A 463 3.75 -23.88 7.95
N PRO A 464 3.12 -23.35 6.89
CA PRO A 464 3.77 -22.25 6.14
C PRO A 464 4.08 -21.04 6.99
N ARG A 465 3.26 -20.75 7.99
CA ARG A 465 3.53 -19.62 8.88
C ARG A 465 4.84 -19.83 9.63
N VAL A 466 5.08 -21.04 10.11
CA VAL A 466 6.34 -21.34 10.79
C VAL A 466 7.49 -21.37 9.78
N ALA A 467 7.25 -21.95 8.60
CA ALA A 467 8.32 -22.10 7.63
C ALA A 467 8.82 -20.76 7.09
N SER A 468 7.93 -19.78 6.97
CA SER A 468 8.36 -18.45 6.53
C SER A 468 9.34 -17.85 7.52
N ASN A 469 9.02 -17.94 8.81
CA ASN A 469 9.92 -17.43 9.83
C ASN A 469 11.21 -18.25 9.88
N VAL A 470 11.14 -19.54 9.59
CA VAL A 470 12.35 -20.36 9.53
C VAL A 470 13.26 -19.89 8.40
N CYS A 471 12.68 -19.60 7.23
CA CYS A 471 13.48 -19.08 6.12
C CYS A 471 14.09 -17.74 6.47
N TRP A 472 13.32 -16.87 7.13
CA TRP A 472 13.85 -15.60 7.60
C TRP A 472 15.03 -15.81 8.53
N ALA A 473 14.89 -16.75 9.47
CA ALA A 473 15.96 -17.05 10.41
C ALA A 473 17.19 -17.59 9.71
N PHE A 474 16.99 -18.45 8.71
CA PHE A 474 18.12 -18.98 7.96
C PHE A 474 18.88 -17.88 7.23
N SER A 475 18.16 -16.98 6.57
CA SER A 475 18.82 -15.88 5.87
C SER A 475 19.59 -15.00 6.82
N SER A 476 18.97 -14.61 7.94
CA SER A 476 19.66 -13.76 8.90
C SER A 476 20.83 -14.48 9.54
N LEU A 477 20.70 -15.79 9.76
CA LEU A 477 21.78 -16.57 10.36
C LEU A 477 22.98 -16.67 9.43
N ALA A 478 22.73 -16.90 8.14
CA ALA A 478 23.81 -16.92 7.17
C ALA A 478 24.50 -15.55 7.09
N GLU A 479 23.70 -14.48 7.08
CA GLU A 479 24.28 -13.15 7.06
C GLU A 479 25.15 -12.91 8.30
N ALA A 480 24.68 -13.32 9.47
CA ALA A 480 25.45 -13.15 10.69
C ALA A 480 26.73 -13.96 10.66
N ALA A 481 26.65 -15.21 10.21
CA ALA A 481 27.83 -16.07 10.17
C ALA A 481 28.88 -15.52 9.22
N TYR A 482 28.46 -15.03 8.05
CA TYR A 482 29.42 -14.44 7.13
C TYR A 482 29.97 -13.13 7.67
N GLU A 483 29.14 -12.34 8.34
CA GLU A 483 29.61 -11.07 8.89
C GLU A 483 30.46 -11.26 10.13
N ALA A 484 30.22 -12.33 10.89
CA ALA A 484 30.86 -12.51 12.18
C ALA A 484 32.37 -12.70 12.03
N ALA A 485 33.06 -12.57 13.16
CA ALA A 485 34.50 -12.81 13.21
C ALA A 485 34.85 -14.26 12.97
N ASP A 486 33.87 -15.16 12.96
CA ASP A 486 34.11 -16.53 12.52
C ASP A 486 34.67 -16.56 11.11
N VAL A 487 34.36 -15.55 10.31
CA VAL A 487 34.92 -15.42 8.97
C VAL A 487 36.34 -14.88 9.10
N ALA A 488 37.32 -15.74 8.84
CA ALA A 488 38.73 -15.39 8.88
C ALA A 488 39.19 -15.00 7.48
N ASP A 489 40.52 -14.96 7.27
CA ASP A 489 41.16 -14.83 5.97
C ASP A 489 41.14 -13.41 5.44
N ASP A 490 42.15 -13.05 4.66
CA ASP A 490 42.28 -11.73 4.07
C ASP A 490 42.15 -11.76 2.55
N GLN A 491 41.69 -12.87 1.98
CA GLN A 491 41.49 -13.00 0.54
C GLN A 491 40.08 -12.59 0.12
N GLU A 492 39.44 -11.71 0.88
CA GLU A 492 38.12 -11.18 0.58
C GLU A 492 37.04 -12.26 0.51
N GLU A 493 37.32 -13.43 1.09
CA GLU A 493 36.35 -14.51 1.16
C GLU A 493 36.79 -15.53 2.20
N PRO A 494 35.91 -15.90 3.13
CA PRO A 494 36.31 -16.86 4.17
C PRO A 494 36.62 -18.23 3.59
N ALA A 495 37.62 -18.89 4.17
CA ALA A 495 37.88 -20.27 3.81
C ALA A 495 36.77 -21.20 4.26
N THR A 496 36.23 -20.96 5.46
CA THR A 496 35.11 -21.72 5.97
C THR A 496 34.41 -20.91 7.06
N TYR A 497 33.18 -21.31 7.37
CA TYR A 497 32.43 -20.67 8.44
C TYR A 497 31.58 -21.72 9.13
N CYS A 498 30.80 -21.27 10.13
CA CYS A 498 30.11 -22.20 11.03
C CYS A 498 29.07 -23.06 10.33
N LEU A 499 28.53 -22.60 9.19
CA LEU A 499 27.50 -23.36 8.50
C LEU A 499 28.06 -24.29 7.43
N SER A 500 29.37 -24.40 7.31
CA SER A 500 29.96 -25.23 6.26
C SER A 500 29.58 -26.70 6.42
N SER A 501 29.37 -27.15 7.65
CA SER A 501 29.08 -28.56 7.87
C SER A 501 27.69 -28.93 7.37
N SER A 502 26.73 -28.01 7.47
CA SER A 502 25.34 -28.30 7.11
C SER A 502 24.89 -27.52 5.89
N PHE A 503 25.82 -26.95 5.12
CA PHE A 503 25.46 -26.11 3.98
C PHE A 503 24.63 -26.87 2.96
N GLU A 504 25.09 -28.06 2.56
CA GLU A 504 24.42 -28.81 1.52
C GLU A 504 23.00 -29.19 1.93
N LEU A 505 22.84 -29.67 3.17
CA LEU A 505 21.52 -30.05 3.63
C LEU A 505 20.59 -28.84 3.69
N ILE A 506 21.12 -27.68 4.10
CA ILE A 506 20.31 -26.47 4.17
C ILE A 506 19.80 -26.09 2.79
N VAL A 507 20.69 -26.03 1.80
CA VAL A 507 20.26 -25.58 0.48
C VAL A 507 19.35 -26.61 -0.16
N GLN A 508 19.62 -27.91 0.05
CA GLN A 508 18.74 -28.93 -0.49
C GLN A 508 17.35 -28.84 0.12
N LYS A 509 17.26 -28.62 1.43
CA LYS A 509 15.96 -28.52 2.08
C LYS A 509 15.21 -27.27 1.64
N LEU A 510 15.93 -26.16 1.43
CA LEU A 510 15.27 -24.95 0.92
C LEU A 510 14.73 -25.18 -0.48
N LEU A 511 15.52 -25.84 -1.35
CA LEU A 511 15.05 -26.13 -2.70
C LEU A 511 13.81 -27.03 -2.65
N GLU A 512 13.81 -28.03 -1.78
CA GLU A 512 12.61 -28.84 -1.62
C GLU A 512 11.44 -28.03 -1.09
N THR A 513 11.72 -27.02 -0.26
CA THR A 513 10.67 -26.14 0.24
C THR A 513 10.05 -25.34 -0.89
N THR A 514 10.86 -24.93 -1.85
CA THR A 514 10.32 -24.18 -2.99
C THR A 514 9.26 -24.97 -3.74
N ASP A 515 9.49 -26.25 -3.96
CA ASP A 515 8.55 -27.10 -4.68
C ASP A 515 7.46 -27.63 -3.76
N ARG A 516 6.79 -26.74 -3.04
CA ARG A 516 5.75 -27.32 -2.21
C ARG A 516 4.37 -27.05 -2.80
N PRO A 517 3.43 -27.98 -2.65
CA PRO A 517 2.08 -27.75 -3.18
C PRO A 517 1.38 -26.57 -2.54
N ASP A 518 1.77 -26.16 -1.34
CA ASP A 518 1.27 -24.94 -0.72
C ASP A 518 2.46 -24.04 -0.41
N GLY A 519 2.89 -23.27 -1.40
CA GLY A 519 3.96 -22.32 -1.21
C GLY A 519 3.45 -20.91 -1.40
N HIS A 520 2.19 -20.79 -1.79
CA HIS A 520 1.57 -19.47 -1.96
C HIS A 520 1.22 -18.83 -0.64
N GLN A 521 0.85 -19.62 0.36
CA GLN A 521 0.46 -19.09 1.65
C GLN A 521 1.64 -18.39 2.31
N ASN A 522 1.38 -17.19 2.85
CA ASN A 522 2.39 -16.40 3.54
C ASN A 522 3.61 -16.15 2.66
N ASN A 523 3.39 -16.14 1.34
CA ASN A 523 4.44 -16.07 0.31
C ASN A 523 5.64 -16.94 0.67
N LEU A 524 5.35 -18.11 1.24
CA LEU A 524 6.41 -19.01 1.69
C LEU A 524 7.40 -19.29 0.56
N ARG A 525 6.89 -19.72 -0.59
CA ARG A 525 7.75 -19.98 -1.74
C ARG A 525 8.66 -18.79 -2.01
N SER A 526 8.07 -17.59 -2.11
CA SER A 526 8.86 -16.40 -2.35
C SER A 526 9.97 -16.28 -1.32
N SER A 527 9.60 -16.41 -0.04
CA SER A 527 10.57 -16.32 1.04
C SER A 527 11.72 -17.29 0.81
N ALA A 528 11.38 -18.53 0.46
CA ALA A 528 12.41 -19.53 0.22
C ALA A 528 13.43 -19.02 -0.77
N TYR A 529 12.94 -18.53 -1.92
CA TYR A 529 13.85 -18.03 -2.94
C TYR A 529 14.76 -16.95 -2.38
N GLU A 530 14.17 -16.01 -1.63
CA GLU A 530 14.97 -14.95 -1.03
C GLU A 530 16.06 -15.55 -0.15
N SER A 531 15.69 -16.49 0.72
CA SER A 531 16.69 -17.15 1.55
C SER A 531 17.71 -17.86 0.69
N LEU A 532 17.23 -18.54 -0.35
CA LEU A 532 18.13 -19.29 -1.22
C LEU A 532 19.10 -18.37 -1.93
N MET A 533 18.80 -17.08 -2.02
CA MET A 533 19.71 -16.14 -2.64
C MET A 533 20.65 -15.49 -1.63
N GLU A 534 20.26 -15.44 -0.35
CA GLU A 534 21.16 -14.89 0.65
C GLU A 534 22.29 -15.86 0.97
N ILE A 535 21.95 -17.15 1.14
CA ILE A 535 22.94 -18.13 1.57
C ILE A 535 24.03 -18.28 0.51
N VAL A 536 23.64 -18.34 -0.76
CA VAL A 536 24.65 -18.42 -1.81
C VAL A 536 25.45 -17.14 -1.89
N LYS A 537 24.86 -16.00 -1.50
CA LYS A 537 25.61 -14.76 -1.50
C LYS A 537 26.55 -14.67 -0.31
N ASN A 538 26.15 -15.20 0.84
CA ASN A 538 26.98 -15.22 2.05
C ASN A 538 27.43 -16.66 2.27
N SER A 539 28.57 -17.02 1.68
CA SER A 539 29.08 -18.38 1.77
C SER A 539 30.60 -18.32 1.96
N ALA A 540 31.22 -19.49 1.94
CA ALA A 540 32.66 -19.60 2.13
C ALA A 540 33.25 -20.51 1.06
N LYS A 541 34.57 -20.41 0.87
CA LYS A 541 35.23 -21.13 -0.21
C LYS A 541 35.50 -22.58 0.17
N ASP A 542 34.50 -23.25 0.72
CA ASP A 542 34.53 -24.70 0.85
C ASP A 542 33.17 -25.32 0.56
N CYS A 543 32.18 -24.53 0.18
CA CYS A 543 30.87 -25.04 -0.23
C CYS A 543 30.50 -24.56 -1.63
N TYR A 544 31.51 -24.21 -2.43
CA TYR A 544 31.25 -23.71 -3.78
C TYR A 544 30.53 -24.70 -4.69
N PRO A 545 30.82 -26.01 -4.67
CA PRO A 545 30.02 -26.90 -5.53
C PRO A 545 28.52 -26.83 -5.28
N ALA A 546 28.12 -26.75 -4.01
CA ALA A 546 26.71 -26.56 -3.70
C ALA A 546 26.22 -25.22 -4.21
N VAL A 547 27.05 -24.18 -4.11
CA VAL A 547 26.69 -22.86 -4.62
C VAL A 547 26.40 -22.93 -6.11
N GLN A 548 27.28 -23.58 -6.87
CA GLN A 548 27.12 -23.66 -8.31
C GLN A 548 25.91 -24.50 -8.69
N LYS A 549 25.70 -25.63 -8.01
CA LYS A 549 24.54 -26.45 -8.30
C LYS A 549 23.24 -25.69 -8.01
N THR A 550 23.21 -24.95 -6.89
CA THR A 550 22.03 -24.18 -6.55
C THR A 550 21.79 -23.05 -7.55
N THR A 551 22.86 -22.38 -7.99
CA THR A 551 22.69 -21.32 -8.97
C THR A 551 22.18 -21.88 -10.30
N LEU A 552 22.70 -23.04 -10.71
CA LEU A 552 22.23 -23.67 -11.94
C LEU A 552 20.76 -24.02 -11.85
N VAL A 553 20.33 -24.59 -10.73
CA VAL A 553 18.92 -24.95 -10.62
C VAL A 553 18.03 -23.73 -10.42
N ILE A 554 18.57 -22.63 -9.91
CA ILE A 554 17.79 -21.41 -9.76
C ILE A 554 17.57 -20.73 -11.11
N MET A 555 18.63 -20.58 -11.90
CA MET A 555 18.54 -19.81 -13.12
C MET A 555 17.63 -20.44 -14.16
N GLU A 556 17.38 -21.74 -14.07
CA GLU A 556 16.38 -22.36 -14.95
C GLU A 556 14.97 -21.88 -14.63
N ARG A 557 14.75 -21.34 -13.45
CA ARG A 557 13.44 -20.82 -13.05
C ARG A 557 13.32 -19.32 -13.27
N LEU A 558 14.27 -18.72 -13.99
CA LEU A 558 14.39 -17.28 -14.04
C LEU A 558 13.10 -16.59 -14.45
N GLN A 559 12.35 -17.20 -15.37
CA GLN A 559 11.10 -16.58 -15.80
C GLN A 559 10.11 -16.49 -14.65
N GLN A 560 9.89 -17.59 -13.93
CA GLN A 560 8.98 -17.56 -12.79
C GLN A 560 9.48 -16.63 -11.70
N VAL A 561 10.78 -16.65 -11.44
CA VAL A 561 11.34 -15.83 -10.36
C VAL A 561 11.18 -14.35 -10.69
N LEU A 562 11.38 -13.97 -11.96
CA LEU A 562 11.15 -12.59 -12.36
C LEU A 562 9.67 -12.23 -12.30
N GLN A 563 8.80 -13.17 -12.65
CA GLN A 563 7.37 -12.94 -12.48
C GLN A 563 7.01 -12.75 -11.01
N MET A 564 7.81 -13.29 -10.09
CA MET A 564 7.63 -13.10 -8.66
C MET A 564 8.47 -11.96 -8.09
N GLU A 565 9.18 -11.22 -8.95
CA GLU A 565 10.12 -10.20 -8.46
C GLU A 565 9.39 -9.13 -7.65
N SER A 566 8.24 -8.68 -8.14
CA SER A 566 7.44 -7.69 -7.43
C SER A 566 6.43 -8.33 -6.48
N HIS A 567 6.32 -9.65 -6.48
CA HIS A 567 5.34 -10.36 -5.65
C HIS A 567 5.93 -10.80 -4.32
N ILE A 568 6.52 -9.86 -3.57
CA ILE A 568 6.97 -10.10 -2.20
C ILE A 568 6.33 -9.10 -1.24
N GLN A 569 6.59 -7.81 -1.43
CA GLN A 569 5.96 -6.73 -0.68
C GLN A 569 6.16 -6.88 0.81
N SER A 570 7.17 -7.64 1.22
CA SER A 570 7.42 -7.96 2.61
C SER A 570 6.16 -8.50 3.27
N THR A 571 5.72 -7.85 4.35
CA THR A 571 4.51 -8.19 5.11
C THR A 571 4.49 -9.63 5.58
N SER A 572 5.62 -10.32 5.53
CA SER A 572 5.76 -11.71 5.97
C SER A 572 7.22 -12.08 5.85
N ASP A 573 7.58 -13.20 6.49
CA ASP A 573 8.96 -13.68 6.50
C ASP A 573 9.89 -12.61 7.07
N ARG A 574 10.51 -11.82 6.20
CA ARG A 574 11.43 -10.76 6.63
C ARG A 574 10.59 -9.57 7.11
N ILE A 575 10.26 -9.59 8.39
CA ILE A 575 9.45 -8.54 9.00
C ILE A 575 10.35 -7.38 9.40
N GLN A 576 9.72 -6.22 9.65
CA GLN A 576 10.42 -5.00 10.05
C GLN A 576 11.44 -4.57 9.01
N PHE A 577 12.70 -4.96 9.21
CA PHE A 577 13.77 -4.54 8.32
C PHE A 577 13.54 -5.08 6.91
N ASN A 578 13.70 -4.19 5.92
CA ASN A 578 13.59 -4.56 4.52
C ASN A 578 14.53 -3.66 3.72
N ASP A 579 15.39 -4.27 2.91
CA ASP A 579 16.40 -3.52 2.17
C ASP A 579 16.42 -3.96 0.71
N LEU A 580 16.76 -3.00 -0.15
CA LEU A 580 17.00 -3.19 -1.58
C LEU A 580 15.70 -3.46 -2.34
N GLN A 581 14.61 -3.69 -1.63
CA GLN A 581 13.26 -3.80 -2.17
C GLN A 581 13.09 -4.97 -3.15
N SER A 582 11.85 -5.45 -3.30
CA SER A 582 11.47 -6.43 -4.31
C SER A 582 12.17 -7.78 -4.14
N LEU A 583 11.58 -8.83 -4.70
CA LEU A 583 12.18 -10.16 -4.61
C LEU A 583 13.51 -10.18 -5.36
N LEU A 584 13.45 -9.96 -6.68
CA LEU A 584 14.68 -9.94 -7.47
C LEU A 584 15.33 -8.56 -7.44
N CYS A 585 14.65 -7.55 -8.00
CA CYS A 585 15.20 -6.21 -8.10
C CYS A 585 16.70 -6.24 -8.38
N ALA A 586 17.49 -5.84 -7.39
CA ALA A 586 18.93 -6.03 -7.42
C ALA A 586 19.38 -7.28 -6.69
N THR A 587 18.51 -7.92 -5.91
CA THR A 587 18.89 -9.15 -5.21
C THR A 587 19.29 -10.23 -6.20
N LEU A 588 18.47 -10.44 -7.23
CA LEU A 588 18.89 -11.33 -8.30
C LEU A 588 20.12 -10.79 -9.00
N GLN A 589 20.14 -9.49 -9.26
CA GLN A 589 21.31 -8.88 -9.88
C GLN A 589 22.56 -9.08 -9.03
N ASN A 590 22.43 -8.86 -7.71
CA ASN A 590 23.59 -8.97 -6.85
C ASN A 590 24.07 -10.42 -6.72
N VAL A 591 23.14 -11.36 -6.59
CA VAL A 591 23.56 -12.76 -6.48
C VAL A 591 24.19 -13.24 -7.78
N LEU A 592 23.66 -12.78 -8.92
CA LEU A 592 24.26 -13.16 -10.19
C LEU A 592 25.61 -12.49 -10.41
N ARG A 593 25.81 -11.28 -9.88
CA ARG A 593 27.08 -10.58 -9.98
C ARG A 593 28.11 -11.07 -8.97
N LYS A 594 27.67 -11.76 -7.91
CA LYS A 594 28.59 -12.29 -6.91
C LYS A 594 28.92 -13.76 -7.09
N VAL A 595 27.98 -14.55 -7.61
CA VAL A 595 28.17 -15.99 -7.73
C VAL A 595 29.31 -16.33 -8.68
N GLN A 596 29.65 -15.42 -9.59
CA GLN A 596 30.66 -15.68 -10.61
C GLN A 596 32.01 -15.95 -9.96
N HIS A 597 32.42 -17.23 -9.97
CA HIS A 597 33.73 -17.63 -9.47
C HIS A 597 34.13 -18.91 -10.19
N GLN A 598 35.42 -18.98 -10.56
CA GLN A 598 35.96 -20.10 -11.33
C GLN A 598 35.21 -20.24 -12.67
N ASP A 599 35.39 -19.19 -13.49
CA ASP A 599 34.68 -18.99 -14.75
C ASP A 599 33.21 -19.38 -14.65
N ALA A 600 32.92 -20.67 -14.59
CA ALA A 600 31.55 -21.18 -14.46
C ALA A 600 30.64 -20.57 -15.52
N LEU A 601 31.10 -20.61 -16.77
CA LEU A 601 30.33 -20.08 -17.88
C LEU A 601 29.03 -20.84 -18.11
N GLN A 602 28.89 -22.03 -17.51
CA GLN A 602 27.63 -22.77 -17.61
C GLN A 602 26.48 -21.95 -17.05
N ILE A 603 26.73 -21.18 -15.99
CA ILE A 603 25.71 -20.29 -15.44
C ILE A 603 25.28 -19.27 -16.48
N SER A 604 26.24 -18.68 -17.18
CA SER A 604 25.94 -17.71 -18.22
C SER A 604 25.14 -18.35 -19.36
N ASP A 605 25.53 -19.57 -19.75
CA ASP A 605 24.79 -20.27 -20.79
C ASP A 605 23.35 -20.48 -20.38
N VAL A 606 23.13 -20.96 -19.14
CA VAL A 606 21.78 -21.24 -18.68
C VAL A 606 20.96 -19.96 -18.61
N VAL A 607 21.54 -18.88 -18.10
CA VAL A 607 20.76 -17.66 -17.94
C VAL A 607 20.41 -17.05 -19.29
N MET A 608 21.35 -17.04 -20.24
CA MET A 608 21.03 -16.49 -21.54
C MET A 608 20.04 -17.36 -22.30
N ALA A 609 20.15 -18.69 -22.17
CA ALA A 609 19.18 -19.57 -22.78
C ALA A 609 17.79 -19.34 -22.23
N SER A 610 17.68 -19.18 -20.91
CA SER A 610 16.38 -18.91 -20.30
C SER A 610 15.83 -17.57 -20.77
N LEU A 611 16.69 -16.55 -20.87
CA LEU A 611 16.24 -15.24 -21.33
C LEU A 611 15.71 -15.31 -22.75
N LEU A 612 16.45 -15.94 -23.66
CA LEU A 612 15.99 -16.02 -25.03
C LEU A 612 14.74 -16.89 -25.15
N ARG A 613 14.65 -17.96 -24.35
CA ARG A 613 13.46 -18.79 -24.39
C ARG A 613 12.23 -18.00 -23.93
N MET A 614 12.39 -17.19 -22.88
CA MET A 614 11.28 -16.34 -22.45
C MET A 614 10.91 -15.34 -23.53
N PHE A 615 11.91 -14.75 -24.18
CA PHE A 615 11.64 -13.78 -25.24
C PHE A 615 10.87 -14.43 -26.39
N GLN A 616 11.27 -15.64 -26.79
CA GLN A 616 10.57 -16.33 -27.87
C GLN A 616 9.16 -16.73 -27.45
N SER A 617 9.00 -17.23 -26.22
CA SER A 617 7.67 -17.60 -25.75
C SER A 617 6.76 -16.39 -25.55
N THR A 618 7.33 -15.19 -25.48
CA THR A 618 6.50 -14.00 -25.42
C THR A 618 5.64 -13.86 -26.66
N ALA A 619 6.20 -14.17 -27.84
CA ALA A 619 5.49 -14.15 -29.11
C ALA A 619 4.91 -12.77 -29.41
N GLY A 620 5.80 -11.78 -29.38
CA GLY A 620 5.43 -10.42 -29.71
C GLY A 620 5.02 -9.61 -28.49
N SER A 621 5.33 -8.33 -28.54
CA SER A 621 4.99 -7.36 -27.47
C SER A 621 5.63 -7.86 -26.17
N GLY A 622 4.98 -7.66 -25.02
CA GLY A 622 5.50 -8.13 -23.75
C GLY A 622 5.92 -7.00 -22.84
N GLY A 623 5.05 -6.65 -21.88
CA GLY A 623 5.39 -5.62 -20.93
C GLY A 623 6.50 -6.04 -19.97
N VAL A 624 6.49 -7.30 -19.56
CA VAL A 624 7.47 -7.80 -18.59
C VAL A 624 8.88 -7.88 -19.16
N GLN A 625 9.03 -7.73 -20.48
CA GLN A 625 10.36 -7.83 -21.10
C GLN A 625 11.35 -6.86 -20.46
N GLU A 626 10.87 -5.72 -19.96
CA GLU A 626 11.75 -4.78 -19.27
C GLU A 626 12.55 -5.46 -18.17
N ASP A 627 11.87 -6.24 -17.33
CA ASP A 627 12.56 -6.93 -16.25
C ASP A 627 13.68 -7.81 -16.78
N ALA A 628 13.48 -8.42 -17.95
CA ALA A 628 14.55 -9.20 -18.56
C ALA A 628 15.68 -8.29 -19.03
N LEU A 629 15.33 -7.18 -19.71
CA LEU A 629 16.34 -6.37 -20.38
C LEU A 629 17.38 -5.85 -19.40
N MET A 630 16.91 -5.23 -18.31
CA MET A 630 17.85 -4.74 -17.30
C MET A 630 18.70 -5.88 -16.75
N ALA A 631 18.10 -7.06 -16.59
CA ALA A 631 18.87 -8.22 -16.15
C ALA A 631 20.04 -8.48 -17.08
N VAL A 632 19.80 -8.39 -18.40
CA VAL A 632 20.90 -8.56 -19.35
C VAL A 632 21.99 -7.54 -19.07
N SER A 633 21.60 -6.28 -18.85
CA SER A 633 22.58 -5.27 -18.49
C SER A 633 23.32 -5.67 -17.22
N THR A 634 22.58 -6.19 -16.23
CA THR A 634 23.21 -6.58 -14.99
C THR A 634 24.14 -7.78 -15.18
N LEU A 635 23.95 -8.56 -16.24
CA LEU A 635 24.91 -9.62 -16.51
C LEU A 635 26.02 -9.19 -17.45
N VAL A 636 25.99 -7.96 -17.95
CA VAL A 636 27.15 -7.43 -18.66
C VAL A 636 27.93 -6.57 -17.66
N GLU A 637 27.30 -5.48 -17.22
CA GLU A 637 27.76 -4.62 -16.14
C GLU A 637 29.27 -4.52 -16.03
N VAL A 638 29.83 -5.02 -14.93
CA VAL A 638 31.27 -5.03 -14.70
C VAL A 638 31.71 -6.49 -14.60
N LEU A 639 31.04 -7.36 -15.35
CA LEU A 639 31.25 -8.82 -15.26
C LEU A 639 32.25 -9.30 -16.31
N GLY A 640 33.27 -8.49 -16.60
CA GLY A 640 34.27 -8.83 -17.60
C GLY A 640 35.03 -10.12 -17.34
N GLY A 641 34.88 -10.72 -16.15
CA GLY A 641 35.50 -12.00 -15.91
C GLY A 641 35.04 -13.06 -16.89
N GLU A 642 33.73 -13.08 -17.18
CA GLU A 642 33.20 -13.96 -18.21
C GLU A 642 32.11 -13.28 -19.04
N PHE A 643 31.98 -11.94 -18.96
CA PHE A 643 30.88 -11.28 -19.66
C PHE A 643 31.29 -9.95 -20.29
N LEU A 644 32.57 -9.74 -20.58
CA LEU A 644 32.97 -8.65 -21.48
C LEU A 644 32.96 -9.09 -22.93
N LYS A 645 32.74 -10.38 -23.19
CA LYS A 645 32.78 -10.98 -24.51
C LYS A 645 31.51 -11.76 -24.78
N TYR A 646 30.35 -11.14 -24.51
CA TYR A 646 29.07 -11.81 -24.66
C TYR A 646 28.88 -12.29 -26.10
N MET A 647 28.65 -11.35 -27.02
CA MET A 647 28.80 -11.51 -28.46
C MET A 647 28.29 -12.83 -29.02
N GLU A 648 27.33 -13.46 -28.36
CA GLU A 648 26.94 -14.78 -28.87
C GLU A 648 25.44 -14.97 -29.01
N ALA A 649 24.65 -14.43 -28.08
CA ALA A 649 23.23 -14.77 -28.02
C ALA A 649 22.32 -13.57 -28.28
N PHE A 650 22.51 -12.48 -27.55
CA PHE A 650 21.59 -11.34 -27.64
C PHE A 650 21.85 -10.48 -28.86
N LYS A 651 22.91 -10.74 -29.62
CA LYS A 651 23.20 -9.91 -30.79
C LYS A 651 22.09 -9.98 -31.84
N PRO A 652 21.62 -11.15 -32.29
CA PRO A 652 20.50 -11.14 -33.24
C PRO A 652 19.19 -10.67 -32.62
N PHE A 653 19.05 -10.74 -31.30
CA PHE A 653 17.82 -10.37 -30.62
C PHE A 653 17.80 -8.95 -30.11
N LEU A 654 18.86 -8.17 -30.37
CA LEU A 654 18.95 -6.81 -29.86
C LEU A 654 17.84 -5.95 -30.44
N GLY A 655 17.72 -5.95 -31.77
CA GLY A 655 16.64 -5.19 -32.40
C GLY A 655 15.27 -5.72 -32.06
N ILE A 656 15.15 -7.05 -31.93
CA ILE A 656 13.84 -7.64 -31.62
C ILE A 656 13.38 -7.18 -30.24
N GLY A 657 14.29 -7.19 -29.26
CA GLY A 657 13.94 -6.66 -27.95
C GLY A 657 13.70 -5.16 -27.98
N LEU A 658 14.49 -4.43 -28.78
CA LEU A 658 14.28 -3.00 -28.95
C LEU A 658 13.05 -2.70 -29.80
N LYS A 659 12.50 -3.71 -30.49
CA LYS A 659 11.37 -3.47 -31.38
C LYS A 659 10.15 -2.93 -30.64
N ASN A 660 10.01 -3.26 -29.35
CA ASN A 660 8.88 -2.78 -28.56
C ASN A 660 9.10 -1.32 -28.22
N TYR A 661 8.54 -0.44 -29.04
CA TYR A 661 8.62 1.01 -28.82
C TYR A 661 7.35 1.60 -28.23
N ALA A 662 6.27 0.83 -28.17
CA ALA A 662 5.02 1.35 -27.61
C ALA A 662 5.19 1.72 -26.14
N GLU A 663 6.07 1.03 -25.43
CA GLU A 663 6.36 1.33 -24.04
C GLU A 663 7.48 2.36 -23.95
N TYR A 664 7.44 3.16 -22.89
CA TYR A 664 8.34 4.30 -22.73
C TYR A 664 9.44 4.02 -21.72
N GLN A 665 9.10 3.47 -20.55
CA GLN A 665 10.12 3.07 -19.59
C GLN A 665 11.01 1.99 -20.18
N VAL A 666 10.38 1.04 -20.87
CA VAL A 666 11.14 0.00 -21.58
C VAL A 666 12.04 0.63 -22.62
N CYS A 667 11.55 1.67 -23.30
CA CYS A 667 12.34 2.37 -24.31
C CYS A 667 13.59 3.00 -23.71
N LEU A 668 13.42 3.76 -22.63
CA LEU A 668 14.58 4.42 -22.02
C LEU A 668 15.55 3.41 -21.44
N ALA A 669 15.03 2.33 -20.84
CA ALA A 669 15.92 1.29 -20.31
C ALA A 669 16.67 0.60 -21.43
N ALA A 670 16.03 0.35 -22.57
CA ALA A 670 16.72 -0.25 -23.70
C ALA A 670 17.77 0.70 -24.27
N VAL A 671 17.48 2.00 -24.26
CA VAL A 671 18.47 2.98 -24.69
C VAL A 671 19.69 2.93 -23.78
N GLY A 672 19.47 2.88 -22.47
CA GLY A 672 20.58 2.73 -21.55
C GLY A 672 21.34 1.43 -21.76
N LEU A 673 20.61 0.35 -22.05
CA LEU A 673 21.25 -0.93 -22.33
C LEU A 673 22.16 -0.83 -23.56
N VAL A 674 21.67 -0.17 -24.61
CA VAL A 674 22.49 0.03 -25.80
C VAL A 674 23.70 0.87 -25.47
N GLY A 675 23.52 1.91 -24.65
CA GLY A 675 24.65 2.75 -24.28
C GLY A 675 25.73 2.00 -23.53
N ASP A 676 25.33 1.14 -22.60
CA ASP A 676 26.34 0.38 -21.85
C ASP A 676 26.84 -0.84 -22.62
N LEU A 677 26.13 -1.26 -23.66
CA LEU A 677 26.51 -2.44 -24.43
C LEU A 677 27.42 -2.11 -25.60
N CYS A 678 27.31 -0.91 -26.16
CA CYS A 678 28.16 -0.54 -27.29
C CYS A 678 29.63 -0.53 -26.87
N ARG A 679 29.93 -0.04 -25.67
CA ARG A 679 31.30 0.04 -25.17
C ARG A 679 31.81 -1.28 -24.63
N ALA A 680 31.12 -2.39 -24.88
CA ALA A 680 31.56 -3.67 -24.37
C ALA A 680 32.65 -4.29 -25.25
N LEU A 681 32.32 -4.56 -26.51
CA LEU A 681 33.25 -5.24 -27.40
C LEU A 681 33.47 -4.47 -28.69
N GLN A 682 32.47 -3.68 -29.10
CA GLN A 682 32.55 -2.83 -30.30
C GLN A 682 32.87 -3.65 -31.55
N SER A 683 32.34 -4.86 -31.62
CA SER A 683 32.57 -5.72 -32.78
C SER A 683 31.28 -6.02 -33.54
N ASN A 684 30.27 -6.56 -32.88
CA ASN A 684 29.02 -6.93 -33.55
C ASN A 684 27.92 -5.88 -33.42
N ILE A 685 28.24 -4.70 -32.87
CA ILE A 685 27.27 -3.61 -32.88
C ILE A 685 27.25 -2.88 -34.20
N ILE A 686 28.25 -3.08 -35.05
CA ILE A 686 28.28 -2.40 -36.35
C ILE A 686 27.08 -2.78 -37.22
N PRO A 687 26.70 -4.05 -37.38
CA PRO A 687 25.54 -4.35 -38.22
C PRO A 687 24.25 -3.72 -37.75
N PHE A 688 24.07 -3.58 -36.43
CA PHE A 688 22.81 -3.07 -35.88
C PHE A 688 22.84 -1.58 -35.58
N CYS A 689 23.99 -0.93 -35.70
CA CYS A 689 24.10 0.47 -35.33
C CYS A 689 23.23 1.35 -36.23
N ASP A 690 23.34 1.16 -37.54
CA ASP A 690 22.53 1.95 -38.47
C ASP A 690 21.05 1.65 -38.28
N GLU A 691 20.70 0.38 -38.07
CA GLU A 691 19.30 0.00 -37.89
C GLU A 691 18.70 0.69 -36.67
N VAL A 692 19.38 0.60 -35.53
CA VAL A 692 18.84 1.21 -34.33
C VAL A 692 18.84 2.73 -34.47
N MET A 693 19.85 3.29 -35.12
CA MET A 693 19.91 4.74 -35.32
C MET A 693 18.69 5.23 -36.08
N GLN A 694 18.43 4.63 -37.25
CA GLN A 694 17.30 5.08 -38.06
C GLN A 694 15.97 4.81 -37.37
N LEU A 695 15.84 3.64 -36.72
CA LEU A 695 14.56 3.30 -36.09
C LEU A 695 14.24 4.24 -34.94
N LEU A 696 15.22 4.51 -34.07
CA LEU A 696 14.96 5.41 -32.96
C LEU A 696 14.83 6.86 -33.41
N LEU A 697 15.51 7.24 -34.50
CA LEU A 697 15.28 8.57 -35.06
C LEU A 697 13.84 8.71 -35.55
N GLU A 698 13.34 7.70 -36.25
CA GLU A 698 11.95 7.73 -36.70
C GLU A 698 10.99 7.78 -35.52
N ASN A 699 11.30 7.01 -34.47
CA ASN A 699 10.44 7.02 -33.28
C ASN A 699 10.42 8.38 -32.60
N LEU A 700 11.59 9.03 -32.47
CA LEU A 700 11.67 10.30 -31.76
C LEU A 700 11.13 11.45 -32.59
N GLY A 701 11.21 11.38 -33.92
CA GLY A 701 10.81 12.51 -34.74
C GLY A 701 9.32 12.72 -34.82
N ASN A 702 8.53 11.70 -34.51
CA ASN A 702 7.08 11.79 -34.68
C ASN A 702 6.29 11.57 -33.40
N GLU A 703 6.69 10.60 -32.57
CA GLU A 703 5.89 10.28 -31.39
C GLU A 703 5.88 11.43 -30.39
N ASN A 704 7.06 11.92 -30.00
CA ASN A 704 7.20 13.15 -29.21
C ASN A 704 6.41 13.07 -27.89
N VAL A 705 6.85 12.22 -26.95
CA VAL A 705 8.15 11.52 -26.81
C VAL A 705 9.37 12.39 -27.15
N HIS A 706 9.56 13.44 -26.36
CA HIS A 706 10.72 14.31 -26.47
C HIS A 706 11.43 14.55 -25.14
N ARG A 707 10.68 14.65 -24.04
CA ARG A 707 11.29 14.95 -22.75
C ARG A 707 12.19 13.81 -22.27
N SER A 708 11.76 12.57 -22.45
CA SER A 708 12.46 11.43 -21.88
C SER A 708 13.47 10.82 -22.84
N VAL A 709 13.02 10.42 -24.03
CA VAL A 709 13.86 9.63 -24.92
C VAL A 709 15.02 10.46 -25.45
N LYS A 710 14.75 11.69 -25.88
CA LYS A 710 15.72 12.49 -26.62
C LYS A 710 17.06 12.66 -25.90
N PRO A 711 17.13 13.04 -24.62
CA PRO A 711 18.45 13.16 -23.98
C PRO A 711 19.23 11.86 -23.99
N GLN A 712 18.57 10.75 -23.65
CA GLN A 712 19.25 9.46 -23.61
C GLN A 712 19.69 9.01 -24.99
N ILE A 713 18.86 9.22 -26.01
CA ILE A 713 19.22 8.78 -27.35
C ILE A 713 20.38 9.61 -27.89
N LEU A 714 20.42 10.91 -27.58
CA LEU A 714 21.56 11.70 -28.01
C LEU A 714 22.82 11.32 -27.24
N SER A 715 22.68 11.02 -25.95
CA SER A 715 23.83 10.59 -25.17
C SER A 715 24.40 9.28 -25.70
N VAL A 716 23.53 8.33 -26.04
CA VAL A 716 24.03 7.07 -26.57
C VAL A 716 24.50 7.22 -28.01
N PHE A 717 24.00 8.23 -28.75
CA PHE A 717 24.60 8.58 -30.03
C PHE A 717 26.06 8.96 -29.83
N GLY A 718 26.32 9.84 -28.86
CA GLY A 718 27.70 10.19 -28.55
C GLY A 718 28.51 8.98 -28.10
N ASP A 719 27.91 8.14 -27.27
CA ASP A 719 28.62 6.97 -26.73
C ASP A 719 29.01 6.00 -27.84
N ILE A 720 28.10 5.73 -28.78
CA ILE A 720 28.45 4.85 -29.89
C ILE A 720 29.46 5.53 -30.81
N ALA A 721 29.33 6.84 -31.00
CA ALA A 721 30.31 7.57 -31.79
C ALA A 721 31.68 7.63 -31.14
N LEU A 722 31.77 7.27 -29.85
CA LEU A 722 33.08 7.20 -29.20
C LEU A 722 34.00 6.22 -29.90
N ALA A 723 33.45 5.10 -30.39
CA ALA A 723 34.28 4.06 -30.97
C ALA A 723 33.91 3.75 -32.42
N ILE A 724 32.62 3.71 -32.72
CA ILE A 724 32.12 3.28 -34.02
C ILE A 724 31.35 4.43 -34.66
N GLY A 725 31.70 4.76 -35.90
CA GLY A 725 31.02 5.80 -36.62
C GLY A 725 31.83 6.27 -37.81
N GLY A 726 31.30 7.29 -38.48
CA GLY A 726 31.97 7.89 -39.61
C GLY A 726 31.12 8.06 -40.85
N GLU A 727 30.23 7.08 -41.10
CA GLU A 727 29.39 7.12 -42.28
C GLU A 727 28.10 7.92 -42.08
N PHE A 728 27.82 8.37 -40.87
CA PHE A 728 26.63 9.17 -40.61
C PHE A 728 26.89 10.67 -40.70
N LYS A 729 28.11 11.07 -41.04
CA LYS A 729 28.48 12.48 -41.25
C LYS A 729 28.20 13.24 -39.94
N LYS A 730 27.63 14.45 -40.03
CA LYS A 730 27.34 15.23 -38.84
C LYS A 730 25.98 15.91 -38.88
N TYR A 731 25.22 15.77 -39.97
CA TYR A 731 23.93 16.43 -40.09
C TYR A 731 22.97 15.97 -39.00
N LEU A 732 23.05 14.69 -38.63
CA LEU A 732 22.11 14.11 -37.68
C LEU A 732 22.11 14.87 -36.36
N GLU A 733 23.29 15.08 -35.79
CA GLU A 733 23.37 15.83 -34.54
C GLU A 733 23.15 17.31 -34.77
N VAL A 734 23.58 17.82 -35.92
CA VAL A 734 23.53 19.27 -36.16
C VAL A 734 22.08 19.75 -36.18
N VAL A 735 21.21 19.05 -36.90
CA VAL A 735 19.83 19.52 -37.03
C VAL A 735 19.13 19.50 -35.67
N LEU A 736 19.31 18.40 -34.92
CA LEU A 736 18.66 18.29 -33.63
C LEU A 736 19.18 19.32 -32.64
N ASN A 737 20.50 19.55 -32.62
CA ASN A 737 21.05 20.54 -31.71
C ASN A 737 20.58 21.94 -32.07
N THR A 738 20.54 22.27 -33.37
CA THR A 738 20.04 23.58 -33.78
C THR A 738 18.59 23.77 -33.35
N LEU A 739 17.74 22.76 -33.58
CA LEU A 739 16.34 22.88 -33.21
C LEU A 739 16.19 23.05 -31.70
N GLN A 740 16.92 22.24 -30.93
CA GLN A 740 16.79 22.30 -29.48
C GLN A 740 17.28 23.62 -28.92
N GLN A 741 18.40 24.15 -29.43
CA GLN A 741 18.91 25.40 -28.91
C GLN A 741 18.06 26.59 -29.37
N ALA A 742 17.45 26.51 -30.55
CA ALA A 742 16.62 27.60 -31.03
C ALA A 742 15.25 27.63 -30.37
N SER A 743 14.71 26.46 -30.02
CA SER A 743 13.34 26.37 -29.52
C SER A 743 13.24 26.12 -28.02
N GLN A 744 13.97 25.13 -27.51
CA GLN A 744 13.80 24.69 -26.12
C GLN A 744 14.54 25.55 -25.11
N ALA A 745 15.35 26.52 -25.54
CA ALA A 745 16.14 27.32 -24.61
C ALA A 745 16.03 28.82 -24.81
N GLN A 746 15.54 29.30 -25.94
CA GLN A 746 15.44 30.74 -26.19
C GLN A 746 14.06 31.30 -25.86
N VAL A 747 13.16 30.50 -25.31
CA VAL A 747 11.78 30.93 -25.09
C VAL A 747 11.54 31.21 -23.61
N ASP A 748 11.73 30.19 -22.76
CA ASP A 748 11.35 30.26 -21.36
C ASP A 748 12.49 29.74 -20.49
N LYS A 749 13.71 30.23 -20.77
CA LYS A 749 14.89 29.84 -20.00
C LYS A 749 14.80 30.49 -18.62
N SER A 750 13.99 29.89 -17.77
CA SER A 750 13.73 30.40 -16.43
C SER A 750 13.21 29.25 -15.57
N ASP A 751 12.62 29.58 -14.42
CA ASP A 751 11.97 28.64 -13.53
C ASP A 751 12.96 27.65 -12.93
N TYR A 752 12.44 26.65 -12.22
CA TYR A 752 13.27 25.66 -11.53
C TYR A 752 13.05 24.25 -12.02
N ASP A 753 11.82 23.87 -12.35
CA ASP A 753 11.51 22.51 -12.77
C ASP A 753 11.77 22.28 -14.25
N MET A 754 12.19 23.30 -15.00
CA MET A 754 12.47 23.16 -16.42
C MET A 754 13.96 23.24 -16.75
N VAL A 755 14.76 23.88 -15.91
CA VAL A 755 16.19 24.02 -16.19
C VAL A 755 16.91 22.69 -16.13
N ASP A 756 16.37 21.70 -15.42
CA ASP A 756 17.04 20.41 -15.32
C ASP A 756 17.15 19.73 -16.68
N TYR A 757 16.05 19.67 -17.42
CA TYR A 757 16.08 19.08 -18.75
C TYR A 757 17.05 19.83 -19.66
N LEU A 758 17.01 21.17 -19.61
CA LEU A 758 17.86 21.97 -20.48
C LEU A 758 19.34 21.73 -20.20
N ASN A 759 19.74 21.82 -18.93
CA ASN A 759 21.16 21.66 -18.59
C ASN A 759 21.63 20.23 -18.84
N GLU A 760 20.79 19.24 -18.53
CA GLU A 760 21.17 17.86 -18.81
C GLU A 760 21.33 17.62 -20.31
N LEU A 761 20.43 18.18 -21.12
CA LEU A 761 20.54 18.03 -22.56
C LEU A 761 21.80 18.71 -23.09
N ARG A 762 22.11 19.91 -22.56
CA ARG A 762 23.32 20.60 -22.99
C ARG A 762 24.57 19.79 -22.63
N GLU A 763 24.62 19.24 -21.42
CA GLU A 763 25.76 18.43 -21.03
C GLU A 763 25.88 17.20 -21.91
N SER A 764 24.75 16.54 -22.20
CA SER A 764 24.79 15.37 -23.07
C SER A 764 25.24 15.74 -24.48
N CYS A 765 24.80 16.90 -24.98
CA CYS A 765 25.22 17.34 -26.31
C CYS A 765 26.71 17.61 -26.36
N LEU A 766 27.26 18.26 -25.33
CA LEU A 766 28.70 18.53 -25.31
C LEU A 766 29.49 17.22 -25.20
N GLU A 767 29.01 16.29 -24.38
CA GLU A 767 29.66 14.99 -24.29
C GLU A 767 29.62 14.25 -25.63
N ALA A 768 28.48 14.33 -26.32
CA ALA A 768 28.35 13.69 -27.63
C ALA A 768 29.29 14.33 -28.64
N TYR A 769 29.42 15.65 -28.60
CA TYR A 769 30.36 16.33 -29.50
C TYR A 769 31.79 15.86 -29.24
N THR A 770 32.17 15.79 -27.97
CA THR A 770 33.52 15.33 -27.64
C THR A 770 33.73 13.89 -28.10
N GLY A 771 32.72 13.04 -27.90
CA GLY A 771 32.84 11.66 -28.35
C GLY A 771 32.95 11.55 -29.86
N ILE A 772 32.17 12.34 -30.60
CA ILE A 772 32.23 12.32 -32.05
C ILE A 772 33.61 12.76 -32.52
N VAL A 773 34.13 13.84 -31.94
CA VAL A 773 35.44 14.33 -32.34
C VAL A 773 36.51 13.28 -32.04
N GLN A 774 36.46 12.68 -30.84
CA GLN A 774 37.48 11.71 -30.47
C GLN A 774 37.43 10.48 -31.36
N GLY A 775 36.23 9.98 -31.65
CA GLY A 775 36.11 8.82 -32.52
C GLY A 775 36.54 9.10 -33.93
N LEU A 776 36.18 10.27 -34.46
CA LEU A 776 36.61 10.65 -35.80
C LEU A 776 38.05 11.12 -35.85
N LYS A 777 38.67 11.43 -34.70
CA LYS A 777 40.06 11.83 -34.70
C LYS A 777 41.00 10.68 -35.03
N GLY A 778 40.51 9.43 -35.00
CA GLY A 778 41.33 8.28 -35.28
C GLY A 778 42.40 8.00 -34.25
N ASP A 779 42.65 8.91 -33.32
CA ASP A 779 43.53 8.78 -32.17
C ASP A 779 45.01 8.72 -32.54
N GLN A 780 45.37 8.85 -33.82
CA GLN A 780 46.79 8.84 -34.19
C GLN A 780 47.25 10.19 -34.75
N GLU A 781 46.75 10.63 -35.90
CA GLU A 781 46.95 12.01 -36.32
C GLU A 781 45.63 12.72 -36.59
N ASN A 782 44.90 12.34 -37.65
CA ASN A 782 43.54 12.79 -37.87
C ASN A 782 42.64 11.63 -38.31
N VAL A 783 43.19 10.77 -39.17
CA VAL A 783 42.53 9.58 -39.71
C VAL A 783 41.12 9.87 -40.18
N HIS A 784 40.85 11.09 -40.59
CA HIS A 784 39.56 11.49 -41.13
C HIS A 784 39.75 12.60 -42.15
N PRO A 785 38.75 12.83 -43.01
CA PRO A 785 38.86 13.95 -43.96
C PRO A 785 39.04 15.30 -43.31
N ASP A 786 38.59 15.46 -42.07
CA ASP A 786 38.77 16.68 -41.28
C ASP A 786 38.08 17.90 -41.89
N VAL A 787 37.08 17.67 -42.74
CA VAL A 787 36.35 18.80 -43.33
C VAL A 787 35.52 19.52 -42.28
N MET A 788 35.08 18.80 -41.25
CA MET A 788 34.31 19.38 -40.15
C MET A 788 35.19 19.82 -38.98
N LEU A 789 36.43 20.25 -39.26
CA LEU A 789 37.38 20.61 -38.22
C LEU A 789 36.83 21.71 -37.32
N VAL A 790 36.62 22.90 -37.88
CA VAL A 790 36.13 24.03 -37.10
C VAL A 790 34.96 24.75 -37.75
N GLN A 791 34.71 24.58 -39.05
CA GLN A 791 33.69 25.37 -39.73
C GLN A 791 32.28 25.09 -39.21
N PRO A 792 31.82 23.84 -39.10
CA PRO A 792 30.47 23.60 -38.58
C PRO A 792 30.39 23.42 -37.07
N ARG A 793 31.52 23.22 -36.40
CA ARG A 793 31.53 22.92 -34.96
C ARG A 793 31.83 24.16 -34.12
N VAL A 794 32.99 24.79 -34.36
CA VAL A 794 33.37 25.96 -33.57
C VAL A 794 32.39 27.10 -33.79
N GLU A 795 31.93 27.28 -35.03
CA GLU A 795 30.94 28.31 -35.31
C GLU A 795 29.63 28.03 -34.58
N PHE A 796 29.21 26.77 -34.53
CA PHE A 796 27.91 26.46 -33.94
C PHE A 796 27.94 26.49 -32.42
N ILE A 797 29.04 26.07 -31.81
CA ILE A 797 29.05 25.91 -30.35
C ILE A 797 28.93 27.26 -29.66
N LEU A 798 29.55 28.30 -30.22
CA LEU A 798 29.47 29.62 -29.60
C LEU A 798 28.05 30.17 -29.64
N SER A 799 27.27 29.80 -30.65
CA SER A 799 25.88 30.24 -30.76
C SER A 799 24.90 29.21 -30.20
N PHE A 800 25.40 28.07 -29.71
CA PHE A 800 24.56 26.99 -29.19
C PHE A 800 24.37 27.06 -27.69
N ILE A 801 25.46 27.20 -26.92
CA ILE A 801 25.39 27.24 -25.47
C ILE A 801 25.28 28.67 -24.95
N ASP A 802 25.16 29.65 -25.85
CA ASP A 802 25.07 31.04 -25.45
C ASP A 802 23.79 31.36 -24.70
N HIS A 803 22.77 30.49 -24.79
CA HIS A 803 21.52 30.74 -24.09
C HIS A 803 21.71 30.77 -22.58
N ILE A 804 22.74 30.11 -22.07
CA ILE A 804 23.02 30.17 -20.63
C ILE A 804 23.34 31.60 -20.21
N ALA A 805 23.85 32.42 -21.14
CA ALA A 805 24.09 33.83 -20.85
C ALA A 805 22.80 34.56 -20.49
N GLY A 806 21.65 34.04 -20.88
CA GLY A 806 20.39 34.72 -20.60
C GLY A 806 20.08 34.78 -19.11
N ASP A 807 20.27 33.68 -18.39
CA ASP A 807 19.89 33.64 -16.98
C ASP A 807 21.01 33.08 -16.12
N GLU A 808 21.89 32.26 -16.70
CA GLU A 808 22.96 31.59 -15.97
C GLU A 808 22.38 30.73 -14.84
N ASP A 809 21.59 29.74 -15.22
CA ASP A 809 20.98 28.84 -14.26
C ASP A 809 22.05 27.99 -13.57
N HIS A 810 21.74 27.55 -12.36
CA HIS A 810 22.70 26.80 -11.54
C HIS A 810 22.86 25.40 -12.11
N THR A 811 23.88 25.21 -12.94
CA THR A 811 24.28 23.91 -13.44
C THR A 811 25.60 23.59 -12.75
N ASP A 812 25.51 22.99 -11.57
CA ASP A 812 26.66 22.77 -10.71
C ASP A 812 27.36 21.46 -11.06
N GLY A 813 28.68 21.50 -11.09
CA GLY A 813 29.45 20.28 -11.27
C GLY A 813 29.83 19.97 -12.71
N VAL A 814 29.02 19.12 -13.36
CA VAL A 814 29.38 18.54 -14.64
C VAL A 814 29.57 19.57 -15.74
N VAL A 815 29.08 20.80 -15.55
CA VAL A 815 29.31 21.83 -16.56
C VAL A 815 30.79 22.18 -16.63
N ALA A 816 31.50 22.08 -15.50
CA ALA A 816 32.96 22.28 -15.52
C ALA A 816 33.63 21.18 -16.34
N CYS A 817 33.16 19.94 -16.22
CA CYS A 817 33.68 18.87 -17.04
C CYS A 817 33.39 19.13 -18.52
N ALA A 818 32.19 19.65 -18.82
CA ALA A 818 31.86 19.97 -20.21
C ALA A 818 32.79 21.05 -20.76
N ALA A 819 33.04 22.10 -19.98
CA ALA A 819 33.96 23.15 -20.41
C ALA A 819 35.36 22.59 -20.62
N GLY A 820 35.81 21.72 -19.72
CA GLY A 820 37.14 21.14 -19.87
C GLY A 820 37.27 20.30 -21.12
N LEU A 821 36.28 19.44 -21.38
CA LEU A 821 36.35 18.60 -22.57
C LEU A 821 36.24 19.43 -23.84
N ILE A 822 35.40 20.46 -23.83
CA ILE A 822 35.32 21.35 -24.99
C ILE A 822 36.67 21.99 -25.25
N GLY A 823 37.30 22.53 -24.21
CA GLY A 823 38.60 23.17 -24.39
C GLY A 823 39.65 22.20 -24.90
N ASP A 824 39.70 21.00 -24.32
CA ASP A 824 40.71 20.03 -24.72
C ASP A 824 40.52 19.62 -26.18
N LEU A 825 39.29 19.28 -26.57
CA LEU A 825 39.04 18.85 -27.93
C LEU A 825 39.29 19.98 -28.93
N CYS A 826 38.87 21.21 -28.59
CA CYS A 826 39.09 22.33 -29.50
C CYS A 826 40.58 22.64 -29.66
N THR A 827 41.34 22.56 -28.56
CA THR A 827 42.77 22.80 -28.65
C THR A 827 43.47 21.73 -29.48
N ALA A 828 43.15 20.46 -29.22
CA ALA A 828 43.80 19.38 -29.95
C ALA A 828 43.26 19.21 -31.36
N PHE A 829 42.20 19.91 -31.72
CA PHE A 829 41.59 19.76 -33.05
C PHE A 829 42.25 20.65 -34.09
N GLY A 830 42.24 21.97 -33.87
CA GLY A 830 42.73 22.88 -34.89
C GLY A 830 43.21 24.23 -34.41
N LYS A 831 42.99 25.26 -35.23
CA LYS A 831 43.56 26.58 -35.03
C LYS A 831 42.53 27.69 -34.85
N ASP A 832 41.32 27.52 -35.36
CA ASP A 832 40.32 28.58 -35.34
C ASP A 832 39.51 28.64 -34.04
N VAL A 833 40.05 28.09 -32.95
CA VAL A 833 39.36 28.16 -31.66
C VAL A 833 39.32 29.59 -31.13
N LEU A 834 40.17 30.48 -31.65
CA LEU A 834 40.22 31.85 -31.14
C LEU A 834 38.89 32.57 -31.26
N LYS A 835 38.08 32.19 -32.27
CA LYS A 835 36.77 32.83 -32.41
C LYS A 835 35.88 32.59 -31.20
N LEU A 836 36.07 31.45 -30.50
CA LEU A 836 35.34 31.23 -29.26
C LEU A 836 35.68 32.29 -28.22
N VAL A 837 36.94 32.71 -28.17
CA VAL A 837 37.30 33.84 -27.32
C VAL A 837 36.61 35.11 -27.80
N GLU A 838 36.46 35.25 -29.11
CA GLU A 838 35.77 36.40 -29.69
C GLU A 838 34.28 36.39 -29.40
N ALA A 839 33.72 35.29 -28.92
CA ALA A 839 32.31 35.20 -28.63
C ALA A 839 32.03 35.85 -27.27
N ARG A 840 30.82 35.65 -26.75
CA ARG A 840 30.45 36.24 -25.49
C ARG A 840 31.27 35.64 -24.34
N PRO A 841 31.56 36.43 -23.30
CA PRO A 841 32.34 35.93 -22.17
C PRO A 841 31.54 35.14 -21.15
N MET A 842 30.32 34.72 -21.47
CA MET A 842 29.49 33.99 -20.52
C MET A 842 30.15 32.70 -20.06
N ILE A 843 31.07 32.15 -20.87
CA ILE A 843 31.81 30.96 -20.45
C ILE A 843 32.50 31.22 -19.11
N HIS A 844 33.12 32.39 -18.96
CA HIS A 844 33.69 32.78 -17.69
C HIS A 844 32.63 32.72 -16.59
N GLU A 845 31.45 33.30 -16.86
CA GLU A 845 30.35 33.17 -15.92
C GLU A 845 29.96 31.71 -15.75
N LEU A 846 29.93 30.96 -16.86
CA LEU A 846 29.67 29.52 -16.77
C LEU A 846 30.71 28.83 -15.91
N LEU A 847 31.93 29.37 -15.86
CA LEU A 847 32.92 28.83 -14.94
C LEU A 847 32.62 29.24 -13.50
N THR A 848 32.21 30.49 -13.29
CA THR A 848 32.05 31.01 -11.94
C THR A 848 31.04 30.19 -11.14
N GLU A 849 29.83 30.04 -11.68
CA GLU A 849 28.86 29.18 -11.03
C GLU A 849 29.36 27.75 -10.95
N GLY A 850 30.09 27.30 -11.98
CA GLY A 850 30.71 25.99 -11.91
C GLY A 850 31.69 25.89 -10.76
N ARG A 851 32.40 26.98 -10.46
CA ARG A 851 33.33 27.01 -9.34
C ARG A 851 32.63 27.13 -7.99
N ARG A 852 31.29 27.12 -7.97
CA ARG A 852 30.57 27.19 -6.70
C ARG A 852 30.84 25.95 -5.85
N SER A 853 30.92 24.79 -6.49
CA SER A 853 31.18 23.53 -5.78
C SER A 853 32.68 23.31 -5.68
N LYS A 854 33.27 23.84 -4.61
CA LYS A 854 34.68 23.70 -4.26
C LYS A 854 35.62 23.82 -5.47
N THR A 855 36.68 23.01 -5.49
CA THR A 855 37.68 23.07 -6.55
C THR A 855 38.07 21.71 -7.10
N ASN A 856 37.42 20.62 -6.68
CA ASN A 856 37.81 19.30 -7.14
C ASN A 856 37.30 19.03 -8.55
N LYS A 857 35.99 19.02 -8.74
CA LYS A 857 35.42 18.82 -10.07
C LYS A 857 35.20 20.11 -10.83
N ALA A 858 35.43 21.26 -10.19
CA ALA A 858 35.19 22.57 -10.81
C ALA A 858 36.45 23.15 -11.44
N LYS A 859 37.48 23.37 -10.63
CA LYS A 859 38.68 24.08 -11.10
C LYS A 859 39.64 23.18 -11.86
N THR A 860 39.57 21.86 -11.69
CA THR A 860 40.51 20.97 -12.35
C THR A 860 40.32 20.99 -13.86
N LEU A 861 39.09 20.78 -14.32
CA LEU A 861 38.85 20.74 -15.76
C LEU A 861 38.92 22.13 -16.39
N ALA A 862 38.50 23.16 -15.65
CA ALA A 862 38.68 24.52 -16.14
C ALA A 862 40.15 24.86 -16.31
N ARG A 863 40.98 24.45 -15.34
CA ARG A 863 42.42 24.64 -15.47
C ARG A 863 42.99 23.83 -16.63
N TRP A 864 42.47 22.63 -16.85
CA TRP A 864 42.91 21.82 -17.97
C TRP A 864 42.60 22.52 -19.30
N ALA A 865 41.39 23.07 -19.42
CA ALA A 865 41.04 23.82 -20.63
C ALA A 865 41.93 25.06 -20.78
N THR A 866 42.19 25.75 -19.67
CA THR A 866 43.02 26.95 -19.72
C THR A 866 44.44 26.61 -20.16
N LYS A 867 45.01 25.52 -19.64
CA LYS A 867 46.36 25.16 -20.03
C LYS A 867 46.42 24.63 -21.46
N GLU A 868 45.35 23.98 -21.93
CA GLU A 868 45.28 23.63 -23.34
C GLU A 868 45.27 24.88 -24.21
N LEU A 869 44.50 25.90 -23.82
CA LEU A 869 44.50 27.16 -24.56
C LEU A 869 45.87 27.82 -24.53
N ARG A 870 46.55 27.76 -23.39
CA ARG A 870 47.89 28.33 -23.28
C ARG A 870 48.87 27.60 -24.20
N LYS A 871 48.78 26.27 -24.25
CA LYS A 871 49.63 25.51 -25.16
C LYS A 871 49.34 25.86 -26.61
N LEU A 872 48.06 26.05 -26.95
CA LEU A 872 47.71 26.47 -28.30
C LEU A 872 48.30 27.84 -28.63
N LYS A 873 48.23 28.77 -27.67
CA LYS A 873 48.81 30.09 -27.87
C LYS A 873 50.32 30.01 -28.04
N ASN A 874 50.98 29.16 -27.26
CA ASN A 874 52.42 28.96 -27.41
C ASN A 874 52.75 28.39 -28.79
N GLN A 875 51.95 27.44 -29.26
CA GLN A 875 52.12 26.94 -30.63
C GLN A 875 51.86 28.04 -31.64
N ALA A 876 50.89 28.91 -31.36
CA ALA A 876 50.58 30.03 -32.24
C ALA A 876 51.73 31.02 -32.31
N HIS B 1 -16.68 -1.70 16.39
CA HIS B 1 -17.61 -1.33 17.45
C HIS B 1 -18.42 -2.54 17.91
N PHE B 2 -19.74 -2.40 17.91
CA PHE B 2 -20.62 -3.48 18.34
C PHE B 2 -22.01 -3.24 17.78
N GLN B 3 -22.58 -4.28 17.17
CA GLN B 3 -23.99 -4.26 16.76
C GLN B 3 -24.67 -5.61 16.95
N ALA B 4 -24.24 -6.38 17.96
CA ALA B 4 -24.79 -7.71 18.18
C ALA B 4 -26.27 -7.61 18.53
N VAL B 5 -27.13 -8.07 17.62
CA VAL B 5 -28.57 -7.89 17.77
C VAL B 5 -29.33 -9.17 17.43
N VAL B 6 -30.66 -9.08 17.42
CA VAL B 6 -31.59 -10.19 17.25
C VAL B 6 -31.34 -11.00 15.96
N PRO B 7 -31.06 -10.37 14.79
CA PRO B 7 -30.94 -11.16 13.55
C PRO B 7 -29.96 -12.34 13.59
N ALA B 8 -29.22 -12.51 14.69
CA ALA B 8 -28.37 -13.68 14.86
C ALA B 8 -29.19 -14.97 14.76
N PRO B 9 -29.02 -15.75 13.70
CA PRO B 9 -29.85 -16.95 13.51
C PRO B 9 -29.24 -18.18 14.17
N ASP B 10 -29.89 -19.33 13.97
CA ASP B 10 -29.43 -20.58 14.55
C ASP B 10 -28.27 -21.15 13.72
N GLU B 11 -27.89 -22.39 14.02
CA GLU B 11 -26.80 -23.04 13.30
C GLU B 11 -27.26 -23.77 12.05
N GLN B 12 -28.49 -24.30 12.06
CA GLN B 12 -29.04 -25.02 10.91
C GLN B 12 -28.16 -26.21 10.51
N GLU B 13 -28.29 -26.64 9.26
CA GLU B 13 -27.46 -27.73 8.72
C GLU B 13 -26.80 -27.23 7.44
N ILE B 14 -25.49 -27.39 7.36
CA ILE B 14 -24.72 -26.91 6.22
C ILE B 14 -24.58 -28.06 5.22
N ALA B 15 -25.08 -27.85 4.01
CA ALA B 15 -25.03 -28.85 2.95
C ALA B 15 -24.44 -28.19 1.71
N THR B 16 -23.23 -28.61 1.33
CA THR B 16 -22.57 -28.05 0.16
C THR B 16 -23.18 -28.53 -1.14
N LEU B 17 -24.12 -29.47 -1.10
CA LEU B 17 -24.75 -30.09 -2.26
C LEU B 17 -23.76 -30.86 -3.13
N GLU B 18 -22.55 -31.08 -2.64
CA GLU B 18 -21.58 -31.95 -3.31
C GLU B 18 -21.70 -33.39 -2.87
N GLU B 19 -22.64 -33.71 -1.99
CA GLU B 19 -22.95 -35.09 -1.68
C GLU B 19 -23.64 -35.75 -2.87
N ASP B 20 -23.83 -37.07 -2.77
CA ASP B 20 -24.36 -37.89 -3.85
C ASP B 20 -23.48 -37.83 -5.09
N GLU B 21 -22.22 -37.41 -4.92
CA GLU B 21 -21.29 -37.27 -6.03
C GLU B 21 -19.90 -37.67 -5.57
N GLU B 22 -19.19 -38.39 -6.43
CA GLU B 22 -17.85 -38.86 -6.15
C GLU B 22 -16.83 -37.90 -6.75
N GLU B 23 -15.82 -37.55 -5.98
CA GLU B 23 -14.77 -36.66 -6.44
C GLU B 23 -13.74 -37.47 -7.21
N LEU B 24 -13.68 -37.27 -8.53
CA LEU B 24 -12.72 -37.96 -9.37
C LEU B 24 -11.39 -37.25 -9.46
N PHE B 25 -11.34 -35.97 -9.09
CA PHE B 25 -10.14 -35.17 -9.28
C PHE B 25 -10.25 -33.93 -8.41
N CYS B 26 -9.10 -33.36 -8.06
CA CYS B 26 -9.06 -32.16 -7.24
C CYS B 26 -7.68 -31.54 -7.37
N ASN B 27 -7.61 -30.30 -7.81
CA ASN B 27 -6.30 -29.68 -8.04
C ASN B 27 -6.43 -28.17 -7.92
N ARG B 28 -5.34 -27.52 -7.56
CA ARG B 28 -5.31 -26.06 -7.46
C ARG B 28 -5.04 -25.46 -8.83
N ALA B 29 -5.89 -24.51 -9.23
CA ALA B 29 -5.81 -23.92 -10.55
C ALA B 29 -6.24 -22.45 -10.48
N LYS B 30 -6.06 -21.77 -11.61
CA LYS B 30 -6.49 -20.38 -11.79
C LYS B 30 -7.33 -20.29 -13.05
N LEU B 31 -8.43 -19.55 -12.98
CA LEU B 31 -9.42 -19.51 -14.06
C LEU B 31 -9.46 -18.13 -14.69
N PHE B 32 -9.67 -18.09 -16.00
CA PHE B 32 -9.86 -16.85 -16.74
C PHE B 32 -11.09 -16.97 -17.62
N ARG B 33 -11.77 -15.83 -17.82
CA ARG B 33 -12.96 -15.74 -18.65
C ARG B 33 -12.70 -14.76 -19.78
N PHE B 34 -13.19 -15.10 -20.97
CA PHE B 34 -12.97 -14.27 -22.15
C PHE B 34 -14.09 -13.25 -22.29
N ALA B 35 -13.74 -11.97 -22.23
CA ALA B 35 -14.71 -10.88 -22.25
C ALA B 35 -15.04 -10.55 -23.70
N SER B 36 -16.11 -11.15 -24.22
CA SER B 36 -16.50 -10.97 -25.60
C SER B 36 -17.64 -9.97 -25.76
N GLU B 37 -18.05 -9.30 -24.69
CA GLU B 37 -19.13 -8.32 -24.78
C GLU B 37 -18.64 -6.88 -24.81
N ASN B 38 -17.42 -6.62 -24.36
CA ASN B 38 -16.87 -5.26 -24.40
C ASN B 38 -16.11 -5.06 -25.72
N ASP B 39 -16.88 -5.12 -26.81
CA ASP B 39 -16.40 -5.00 -28.18
C ASP B 39 -15.06 -5.69 -28.41
N LEU B 40 -13.95 -5.04 -28.06
CA LEU B 40 -12.64 -5.62 -28.31
C LEU B 40 -12.41 -6.83 -27.40
N PRO B 41 -11.71 -7.85 -27.89
CA PRO B 41 -11.45 -9.03 -27.07
C PRO B 41 -10.54 -8.70 -25.89
N GLU B 42 -10.79 -9.41 -24.79
CA GLU B 42 -10.00 -9.24 -23.58
C GLU B 42 -10.28 -10.41 -22.65
N TRP B 43 -9.25 -10.81 -21.90
CA TRP B 43 -9.35 -11.93 -20.97
C TRP B 43 -9.40 -11.39 -19.54
N LYS B 44 -10.47 -11.73 -18.84
CA LYS B 44 -10.68 -11.33 -17.46
C LYS B 44 -10.44 -12.51 -16.53
N GLU B 45 -9.94 -12.21 -15.33
CA GLU B 45 -9.77 -13.24 -14.33
C GLU B 45 -11.13 -13.72 -13.83
N ARG B 46 -11.15 -14.89 -13.22
CA ARG B 46 -12.39 -15.43 -12.67
C ARG B 46 -12.25 -16.03 -11.29
N GLY B 47 -11.07 -16.45 -10.86
CA GLY B 47 -10.89 -17.03 -9.55
C GLY B 47 -9.64 -17.86 -9.48
N THR B 48 -9.33 -18.29 -8.26
CA THR B 48 -8.18 -19.14 -7.97
C THR B 48 -8.56 -20.09 -6.85
N GLY B 49 -8.34 -21.38 -7.05
CA GLY B 49 -8.71 -22.33 -6.01
C GLY B 49 -8.78 -23.74 -6.54
N ASP B 50 -9.53 -24.57 -5.85
CA ASP B 50 -9.58 -26.00 -6.11
C ASP B 50 -10.65 -26.32 -7.14
N VAL B 51 -10.24 -26.88 -8.27
CA VAL B 51 -11.13 -27.37 -9.30
C VAL B 51 -11.28 -28.88 -9.12
N LYS B 52 -12.51 -29.35 -9.20
CA LYS B 52 -12.85 -30.75 -9.02
C LYS B 52 -13.64 -31.25 -10.22
N LEU B 53 -13.63 -32.56 -10.41
CA LEU B 53 -14.41 -33.21 -11.45
C LEU B 53 -15.36 -34.17 -10.74
N LEU B 54 -16.56 -33.70 -10.43
CA LEU B 54 -17.51 -34.47 -9.64
C LEU B 54 -18.39 -35.33 -10.56
N LYS B 55 -18.48 -36.62 -10.25
CA LYS B 55 -19.28 -37.55 -11.01
C LYS B 55 -20.50 -37.95 -10.19
N HIS B 56 -21.68 -37.84 -10.79
CA HIS B 56 -22.90 -38.15 -10.06
C HIS B 56 -22.93 -39.63 -9.71
N LYS B 57 -23.64 -39.95 -8.62
CA LYS B 57 -23.59 -41.30 -8.07
C LYS B 57 -24.26 -42.30 -9.01
N GLU B 58 -25.47 -41.99 -9.48
CA GLU B 58 -26.20 -42.89 -10.36
C GLU B 58 -26.49 -42.31 -11.74
N LYS B 59 -26.65 -40.99 -11.86
CA LYS B 59 -26.90 -40.40 -13.17
C LYS B 59 -25.65 -40.39 -14.04
N GLY B 60 -24.47 -40.48 -13.46
CA GLY B 60 -23.25 -40.54 -14.23
C GLY B 60 -22.94 -39.29 -15.02
N ALA B 61 -23.15 -38.12 -14.44
CA ALA B 61 -22.87 -36.85 -15.09
C ALA B 61 -21.67 -36.19 -14.41
N ILE B 62 -20.66 -35.85 -15.20
CA ILE B 62 -19.42 -35.27 -14.70
C ILE B 62 -19.50 -33.76 -14.85
N ARG B 63 -19.15 -33.03 -13.79
CA ARG B 63 -19.21 -31.59 -13.81
C ARG B 63 -17.96 -31.00 -13.19
N LEU B 64 -17.67 -29.76 -13.56
CA LEU B 64 -16.53 -29.00 -13.07
C LEU B 64 -17.04 -27.95 -12.08
N LEU B 65 -16.45 -27.92 -10.88
CA LEU B 65 -17.01 -27.17 -9.76
C LEU B 65 -15.93 -26.38 -9.01
N MET B 66 -15.17 -25.57 -9.74
CA MET B 66 -14.14 -24.74 -9.11
C MET B 66 -14.76 -23.76 -8.12
N ARG B 67 -14.01 -23.48 -7.04
CA ARG B 67 -14.40 -22.51 -6.02
C ARG B 67 -13.26 -21.55 -5.75
N ARG B 68 -13.60 -20.41 -5.15
CA ARG B 68 -12.61 -19.40 -4.84
C ARG B 68 -12.03 -19.61 -3.44
N ASP B 69 -10.79 -19.17 -3.27
CA ASP B 69 -10.10 -19.34 -1.98
C ASP B 69 -10.54 -18.28 -0.98
N LYS B 70 -10.70 -18.69 0.27
CA LYS B 70 -10.96 -17.86 1.44
C LYS B 70 -12.33 -17.21 1.41
N THR B 71 -13.09 -17.34 0.34
CA THR B 71 -14.47 -16.91 0.30
C THR B 71 -15.44 -18.02 -0.06
N LEU B 72 -14.96 -19.06 -0.74
CA LEU B 72 -15.75 -20.25 -1.06
C LEU B 72 -16.98 -19.91 -1.90
N LYS B 73 -16.79 -19.00 -2.86
CA LYS B 73 -17.83 -18.67 -3.82
C LYS B 73 -17.47 -19.30 -5.15
N ILE B 74 -18.49 -19.88 -5.80
CA ILE B 74 -18.28 -20.65 -7.02
C ILE B 74 -17.89 -19.71 -8.17
N CYS B 75 -16.83 -20.06 -8.87
CA CYS B 75 -16.42 -19.32 -10.06
C CYS B 75 -16.51 -20.15 -11.33
N ALA B 76 -17.03 -21.38 -11.26
CA ALA B 76 -17.25 -22.21 -12.44
C ALA B 76 -18.12 -23.40 -12.06
N ASN B 77 -19.21 -23.63 -12.80
CA ASN B 77 -20.09 -24.75 -12.50
C ASN B 77 -20.85 -25.11 -13.78
N HIS B 78 -20.42 -26.16 -14.47
CA HIS B 78 -21.07 -26.58 -15.69
C HIS B 78 -20.77 -28.04 -15.95
N TYR B 79 -21.62 -28.67 -16.76
CA TYR B 79 -21.44 -30.07 -17.11
C TYR B 79 -20.30 -30.23 -18.11
N ILE B 80 -20.08 -31.47 -18.53
CA ILE B 80 -19.12 -31.80 -19.57
C ILE B 80 -19.86 -32.57 -20.66
N THR B 81 -19.68 -32.13 -21.90
CA THR B 81 -20.37 -32.69 -23.05
C THR B 81 -19.34 -33.20 -24.06
N PRO B 82 -19.74 -34.13 -24.95
CA PRO B 82 -18.76 -34.72 -25.87
C PRO B 82 -18.04 -33.71 -26.75
N MET B 83 -18.69 -32.61 -27.12
CA MET B 83 -18.06 -31.63 -28.00
C MET B 83 -16.94 -30.85 -27.31
N MET B 84 -16.93 -30.83 -25.98
CA MET B 84 -15.94 -30.03 -25.25
C MET B 84 -14.56 -30.66 -25.39
N GLU B 85 -13.65 -29.96 -26.03
CA GLU B 85 -12.29 -30.44 -26.19
C GLU B 85 -11.32 -29.37 -25.72
N LEU B 86 -10.38 -29.75 -24.87
CA LEU B 86 -9.40 -28.80 -24.36
C LEU B 86 -8.38 -28.49 -25.45
N LYS B 87 -8.13 -27.20 -25.66
CA LYS B 87 -7.13 -26.83 -26.65
C LYS B 87 -5.95 -26.13 -25.99
N PRO B 88 -4.74 -26.33 -26.48
CA PRO B 88 -3.60 -25.61 -25.92
C PRO B 88 -3.70 -24.12 -26.23
N ASN B 89 -3.16 -23.31 -25.32
CA ASN B 89 -3.15 -21.87 -25.49
C ASN B 89 -2.01 -21.48 -26.41
N ALA B 90 -1.79 -20.17 -26.58
CA ALA B 90 -0.72 -19.69 -27.46
C ALA B 90 0.64 -19.92 -26.83
N GLY B 91 1.28 -21.04 -27.15
CA GLY B 91 2.61 -21.32 -26.65
C GLY B 91 2.71 -21.51 -25.16
N SER B 92 1.76 -22.22 -24.56
CA SER B 92 1.78 -22.52 -23.14
C SER B 92 1.44 -23.98 -22.92
N ASP B 93 2.28 -24.69 -22.17
CA ASP B 93 2.08 -26.10 -21.92
C ASP B 93 1.28 -26.38 -20.65
N ARG B 94 0.94 -25.35 -19.87
CA ARG B 94 0.27 -25.53 -18.60
C ARG B 94 -1.14 -24.94 -18.58
N ALA B 95 -1.64 -24.48 -19.73
CA ALA B 95 -2.94 -23.85 -19.81
C ALA B 95 -3.79 -24.53 -20.86
N TRP B 96 -5.09 -24.57 -20.62
CA TRP B 96 -6.05 -25.12 -21.57
C TRP B 96 -7.18 -24.12 -21.77
N VAL B 97 -7.74 -24.14 -22.96
CA VAL B 97 -8.83 -23.24 -23.34
C VAL B 97 -9.99 -24.09 -23.82
N TRP B 98 -11.19 -23.79 -23.36
CA TRP B 98 -12.36 -24.50 -23.85
C TRP B 98 -13.57 -23.57 -23.78
N ASN B 99 -14.70 -24.07 -24.26
CA ASN B 99 -15.90 -23.28 -24.46
C ASN B 99 -17.11 -24.04 -23.92
N THR B 100 -18.03 -23.32 -23.29
CA THR B 100 -19.24 -23.93 -22.76
C THR B 100 -20.44 -23.06 -23.11
N HIS B 101 -21.61 -23.69 -23.16
CA HIS B 101 -22.83 -23.00 -23.54
C HIS B 101 -23.71 -22.64 -22.36
N ALA B 102 -23.50 -23.24 -21.19
CA ALA B 102 -24.34 -22.95 -20.03
C ALA B 102 -23.48 -23.08 -18.77
N ASP B 103 -22.95 -21.95 -18.31
CA ASP B 103 -22.18 -21.88 -17.08
C ASP B 103 -23.05 -21.26 -16.00
N PHE B 104 -23.07 -21.88 -14.82
CA PHE B 104 -24.01 -21.53 -13.76
C PHE B 104 -23.31 -20.94 -12.54
N ALA B 105 -22.19 -20.24 -12.75
CA ALA B 105 -21.44 -19.68 -11.64
C ALA B 105 -22.24 -18.60 -10.91
N ASP B 106 -23.00 -17.79 -11.66
CA ASP B 106 -23.80 -16.72 -11.10
C ASP B 106 -25.26 -17.09 -10.98
N GLU B 107 -25.58 -18.38 -10.99
CA GLU B 107 -26.95 -18.88 -10.92
C GLU B 107 -27.82 -18.32 -12.06
N CYS B 108 -27.20 -18.12 -13.22
CA CYS B 108 -27.89 -17.77 -14.45
C CYS B 108 -27.03 -18.22 -15.63
N PRO B 109 -27.58 -19.03 -16.53
CA PRO B 109 -26.74 -19.64 -17.58
C PRO B 109 -26.20 -18.60 -18.54
N LYS B 110 -24.89 -18.67 -18.80
CA LYS B 110 -24.22 -17.77 -19.72
C LYS B 110 -23.22 -18.59 -20.51
N PRO B 111 -23.21 -18.47 -21.84
CA PRO B 111 -22.10 -19.06 -22.61
C PRO B 111 -20.79 -18.42 -22.20
N GLU B 112 -19.73 -19.25 -22.13
CA GLU B 112 -18.45 -18.78 -21.63
C GLU B 112 -17.32 -19.36 -22.46
N LEU B 113 -16.25 -18.59 -22.56
CA LEU B 113 -14.97 -19.03 -23.13
C LEU B 113 -13.97 -19.01 -21.99
N LEU B 114 -13.62 -20.19 -21.47
CA LEU B 114 -12.84 -20.30 -20.26
C LEU B 114 -11.41 -20.75 -20.58
N ALA B 115 -10.48 -20.33 -19.73
CA ALA B 115 -9.09 -20.73 -19.85
C ALA B 115 -8.55 -21.04 -18.46
N ILE B 116 -8.14 -22.29 -18.24
CA ILE B 116 -7.64 -22.73 -16.94
C ILE B 116 -6.14 -22.87 -17.01
N ARG B 117 -5.47 -22.53 -15.91
CA ARG B 117 -4.01 -22.59 -15.83
C ARG B 117 -3.60 -23.27 -14.53
N PHE B 118 -2.56 -24.08 -14.61
CA PHE B 118 -2.06 -24.86 -13.48
C PHE B 118 -0.64 -24.43 -13.13
N LEU B 119 -0.10 -25.05 -12.09
CA LEU B 119 1.22 -24.66 -11.59
C LEU B 119 2.33 -25.15 -12.51
N ASN B 120 2.23 -26.38 -13.00
CA ASN B 120 3.27 -26.96 -13.84
C ASN B 120 2.64 -27.89 -14.86
N ALA B 121 3.46 -28.40 -15.76
CA ALA B 121 2.96 -29.20 -16.88
C ALA B 121 2.40 -30.54 -16.42
N GLU B 122 2.91 -31.09 -15.32
CA GLU B 122 2.43 -32.38 -14.84
C GLU B 122 0.98 -32.30 -14.41
N ASN B 123 0.63 -31.27 -13.63
CA ASN B 123 -0.75 -31.10 -13.22
C ASN B 123 -1.67 -30.86 -14.41
N ALA B 124 -1.20 -30.05 -15.37
CA ALA B 124 -1.99 -29.80 -16.57
C ALA B 124 -2.25 -31.09 -17.33
N GLN B 125 -1.22 -31.94 -17.45
CA GLN B 125 -1.38 -33.20 -18.18
C GLN B 125 -2.31 -34.14 -17.44
N LYS B 126 -2.21 -34.19 -16.11
CA LYS B 126 -3.14 -35.03 -15.34
C LYS B 126 -4.58 -34.56 -15.54
N PHE B 127 -4.80 -33.25 -15.47
CA PHE B 127 -6.15 -32.72 -15.67
C PHE B 127 -6.66 -33.02 -17.06
N LYS B 128 -5.80 -32.87 -18.07
CA LYS B 128 -6.22 -33.15 -19.44
C LYS B 128 -6.56 -34.62 -19.62
N THR B 129 -5.76 -35.51 -19.03
CA THR B 129 -6.03 -36.94 -19.14
C THR B 129 -7.36 -37.29 -18.49
N LYS B 130 -7.61 -36.77 -17.29
CA LYS B 130 -8.86 -37.08 -16.61
C LYS B 130 -10.05 -36.46 -17.34
N PHE B 131 -9.87 -35.26 -17.90
CA PHE B 131 -10.92 -34.62 -18.68
C PHE B 131 -11.27 -35.45 -19.91
N GLU B 132 -10.24 -35.96 -20.60
CA GLU B 132 -10.49 -36.79 -21.77
C GLU B 132 -11.19 -38.09 -21.39
N GLU B 133 -10.79 -38.69 -20.26
CA GLU B 133 -11.48 -39.90 -19.80
C GLU B 133 -12.95 -39.61 -19.52
N CYS B 134 -13.24 -38.50 -18.85
CA CYS B 134 -14.62 -38.16 -18.54
C CYS B 134 -15.42 -37.88 -19.81
N ARG B 135 -14.83 -37.16 -20.76
CA ARG B 135 -15.52 -36.87 -22.02
C ARG B 135 -15.81 -38.15 -22.78
N LYS B 136 -14.84 -39.06 -22.83
CA LYS B 136 -15.04 -40.33 -23.54
C LYS B 136 -16.13 -41.14 -22.84
N GLU B 137 -16.15 -41.14 -21.52
CA GLU B 137 -17.19 -41.86 -20.80
C GLU B 137 -18.57 -41.29 -21.09
N ILE B 138 -18.68 -39.95 -21.12
CA ILE B 138 -19.96 -39.32 -21.44
C ILE B 138 -20.39 -39.67 -22.85
N GLU B 139 -19.44 -39.64 -23.79
CA GLU B 139 -19.76 -39.96 -25.18
C GLU B 139 -20.24 -41.40 -25.31
N GLU B 140 -19.57 -42.32 -24.63
CA GLU B 140 -20.00 -43.72 -24.68
C GLU B 140 -21.38 -43.90 -24.05
N ARG B 141 -21.63 -43.19 -22.95
CA ARG B 141 -22.96 -43.28 -22.32
C ARG B 141 -24.05 -42.77 -23.25
N GLU B 142 -23.82 -41.63 -23.91
CA GLU B 142 -24.86 -41.07 -24.74
C GLU B 142 -25.02 -41.84 -26.05
N LYS B 143 -23.95 -42.50 -26.50
CA LYS B 143 -24.05 -43.30 -27.72
C LYS B 143 -25.03 -44.45 -27.55
N LYS B 144 -25.01 -45.10 -26.39
CA LYS B 144 -25.90 -46.22 -26.13
C LYS B 144 -27.30 -45.73 -25.75
N GLU C 1 -37.77 -14.02 6.55
CA GLU C 1 -36.33 -13.76 6.60
C GLU C 1 -35.79 -13.34 5.23
N PRO C 2 -35.50 -12.05 5.08
CA PRO C 2 -34.83 -11.55 3.86
C PRO C 2 -33.33 -11.81 3.87
N GLN C 3 -32.96 -13.03 4.24
CA GLN C 3 -31.58 -13.50 4.36
C GLN C 3 -30.69 -12.51 5.09
N VAL C 4 -31.28 -11.70 5.96
CA VAL C 4 -30.55 -10.78 6.85
C VAL C 4 -29.71 -9.80 6.01
N GLN C 5 -30.28 -8.64 5.71
CA GLN C 5 -29.59 -7.62 4.92
C GLN C 5 -28.98 -6.57 5.83
N PHE C 6 -27.94 -5.92 5.33
CA PHE C 6 -27.31 -4.82 6.03
C PHE C 6 -26.84 -3.79 5.01
N LYS C 7 -26.79 -2.53 5.44
CA LYS C 7 -26.35 -1.44 4.59
C LYS C 7 -24.92 -1.06 4.96
N LEU C 8 -24.03 -1.12 3.98
CA LEU C 8 -22.62 -0.82 4.17
C LEU C 8 -22.28 0.39 3.32
N VAL C 9 -21.59 1.35 3.90
CA VAL C 9 -21.14 2.53 3.17
C VAL C 9 -19.63 2.48 3.04
N LEU C 10 -19.14 2.59 1.82
CA LEU C 10 -17.72 2.58 1.51
C LEU C 10 -17.28 4.01 1.21
N VAL C 11 -16.40 4.57 2.04
CA VAL C 11 -15.99 5.95 1.90
C VAL C 11 -14.47 6.01 1.82
N GLY C 12 -13.98 7.10 1.22
CA GLY C 12 -12.56 7.28 1.03
C GLY C 12 -12.29 8.33 -0.02
N ASP C 13 -11.01 8.56 -0.25
CA ASP C 13 -10.56 9.61 -1.17
C ASP C 13 -10.67 9.12 -2.61
N GLY C 14 -10.04 9.87 -3.52
CA GLY C 14 -10.12 9.60 -4.95
C GLY C 14 -9.52 8.29 -5.41
N GLY C 15 -8.20 8.13 -5.31
CA GLY C 15 -7.59 6.91 -5.79
C GLY C 15 -7.98 5.69 -4.98
N THR C 16 -7.49 5.60 -3.74
CA THR C 16 -7.82 4.57 -2.77
C THR C 16 -7.97 3.18 -3.38
N GLY C 17 -9.08 2.91 -4.07
CA GLY C 17 -9.29 1.58 -4.59
C GLY C 17 -10.67 1.01 -4.41
N LYS C 18 -11.64 1.83 -4.04
CA LYS C 18 -13.03 1.39 -4.11
C LYS C 18 -13.42 1.15 -5.56
N THR C 19 -14.52 0.43 -5.75
CA THR C 19 -15.04 0.06 -7.06
C THR C 19 -14.11 -0.91 -7.79
N THR C 20 -12.93 -1.14 -7.23
CA THR C 20 -12.05 -2.21 -7.64
C THR C 20 -12.12 -3.35 -6.64
N PHE C 21 -12.14 -2.99 -5.35
CA PHE C 21 -12.46 -3.94 -4.30
C PHE C 21 -13.84 -4.54 -4.50
N VAL C 22 -14.83 -3.69 -4.76
CA VAL C 22 -16.20 -4.16 -4.93
C VAL C 22 -16.32 -4.99 -6.21
N LYS C 23 -15.62 -4.58 -7.28
CA LYS C 23 -15.69 -5.32 -8.53
C LYS C 23 -15.02 -6.68 -8.41
N ARG C 24 -13.88 -6.72 -7.71
CA ARG C 24 -13.22 -8.00 -7.45
C ARG C 24 -14.11 -8.93 -6.63
N HIS C 25 -14.83 -8.38 -5.66
CA HIS C 25 -15.75 -9.22 -4.90
C HIS C 25 -17.01 -9.58 -5.69
N LEU C 26 -17.35 -8.82 -6.72
CA LEU C 26 -18.61 -9.05 -7.44
C LEU C 26 -18.46 -10.18 -8.46
N THR C 27 -17.56 -10.00 -9.42
CA THR C 27 -17.31 -11.01 -10.45
C THR C 27 -15.96 -11.68 -10.32
N GLY C 28 -14.95 -10.96 -9.86
CA GLY C 28 -13.61 -11.49 -9.75
C GLY C 28 -12.84 -11.03 -10.94
N GLU C 29 -12.07 -9.95 -10.80
CA GLU C 29 -11.33 -9.35 -11.89
C GLU C 29 -10.61 -8.14 -11.33
N PHE C 30 -9.60 -7.68 -12.05
CA PHE C 30 -8.84 -6.51 -11.66
C PHE C 30 -8.99 -5.45 -12.74
N GLU C 31 -9.53 -4.29 -12.38
CA GLU C 31 -9.68 -3.18 -13.31
C GLU C 31 -8.46 -2.28 -13.21
N LYS C 32 -7.74 -2.14 -14.33
CA LYS C 32 -6.59 -1.25 -14.38
C LYS C 32 -6.95 0.16 -14.82
N LYS C 33 -8.19 0.40 -15.23
CA LYS C 33 -8.63 1.70 -15.70
C LYS C 33 -9.31 2.45 -14.57
N TYR C 34 -8.96 3.73 -14.42
CA TYR C 34 -9.55 4.60 -13.42
C TYR C 34 -10.67 5.41 -14.06
N VAL C 35 -11.91 5.09 -13.71
CA VAL C 35 -13.08 5.84 -14.16
C VAL C 35 -13.83 6.26 -12.90
N ALA C 36 -13.75 7.54 -12.56
CA ALA C 36 -14.35 8.03 -11.32
C ALA C 36 -15.86 7.87 -11.35
N THR C 37 -16.42 7.42 -10.23
CA THR C 37 -17.85 7.21 -10.14
C THR C 37 -18.57 8.53 -9.90
N LEU C 38 -19.78 8.63 -10.43
CA LEU C 38 -20.60 9.82 -10.29
C LEU C 38 -21.68 9.54 -9.25
N GLY C 39 -21.51 10.13 -8.07
CA GLY C 39 -22.49 9.92 -7.02
C GLY C 39 -22.26 8.65 -6.25
N VAL C 40 -23.05 7.62 -6.53
CA VAL C 40 -23.00 6.36 -5.79
C VAL C 40 -23.39 5.22 -6.72
N GLU C 41 -22.93 4.02 -6.39
CA GLU C 41 -23.35 2.79 -7.04
C GLU C 41 -23.65 1.75 -5.98
N VAL C 42 -24.78 1.07 -6.11
CA VAL C 42 -25.25 0.13 -5.10
C VAL C 42 -25.10 -1.28 -5.65
N HIS C 43 -24.29 -2.10 -4.99
CA HIS C 43 -24.02 -3.46 -5.42
C HIS C 43 -24.32 -4.44 -4.30
N PRO C 44 -25.10 -5.48 -4.54
CA PRO C 44 -25.32 -6.50 -3.49
C PRO C 44 -24.26 -7.58 -3.48
N LEU C 45 -23.84 -7.96 -2.27
CA LEU C 45 -22.90 -9.05 -2.06
C LEU C 45 -23.52 -10.04 -1.08
N VAL C 46 -23.25 -11.32 -1.28
CA VAL C 46 -23.79 -12.38 -0.44
C VAL C 46 -22.64 -13.25 0.05
N PHE C 47 -22.67 -13.63 1.32
CA PHE C 47 -21.72 -14.59 1.87
C PHE C 47 -22.49 -15.65 2.63
N HIS C 48 -21.87 -16.82 2.77
CA HIS C 48 -22.47 -17.93 3.50
C HIS C 48 -21.62 -18.24 4.72
N THR C 49 -22.27 -18.35 5.88
CA THR C 49 -21.62 -18.62 7.15
C THR C 49 -22.35 -19.78 7.82
N ASN C 50 -21.79 -20.24 8.95
CA ASN C 50 -22.39 -21.34 9.67
C ASN C 50 -23.76 -21.01 10.24
N ARG C 51 -24.14 -19.74 10.27
CA ARG C 51 -25.49 -19.35 10.68
C ARG C 51 -26.44 -19.18 9.51
N GLY C 52 -25.92 -19.08 8.28
CA GLY C 52 -26.76 -18.87 7.12
C GLY C 52 -26.18 -17.84 6.18
N PRO C 53 -27.00 -17.34 5.26
CA PRO C 53 -26.54 -16.31 4.33
C PRO C 53 -26.63 -14.92 4.95
N ILE C 54 -25.64 -14.09 4.62
CA ILE C 54 -25.63 -12.69 5.03
C ILE C 54 -25.43 -11.84 3.79
N LYS C 55 -26.26 -10.82 3.62
CA LYS C 55 -26.28 -9.99 2.41
C LYS C 55 -25.94 -8.55 2.76
N PHE C 56 -24.92 -8.02 2.10
CA PHE C 56 -24.56 -6.62 2.20
C PHE C 56 -25.04 -5.87 0.97
N ASN C 57 -25.41 -4.61 1.16
CA ASN C 57 -25.72 -3.70 0.07
C ASN C 57 -24.65 -2.62 0.08
N VAL C 58 -23.57 -2.85 -0.66
CA VAL C 58 -22.45 -1.92 -0.66
C VAL C 58 -22.84 -0.67 -1.43
N TRP C 59 -22.77 0.49 -0.76
CA TRP C 59 -23.01 1.78 -1.37
C TRP C 59 -21.65 2.40 -1.66
N ASP C 60 -21.10 2.08 -2.83
CA ASP C 60 -19.81 2.62 -3.23
C ASP C 60 -20.00 4.07 -3.65
N THR C 61 -19.49 4.99 -2.83
CA THR C 61 -19.68 6.41 -3.05
C THR C 61 -18.48 7.00 -3.79
N ALA C 62 -18.58 8.28 -4.12
CA ALA C 62 -17.56 8.97 -4.90
C ALA C 62 -16.71 9.85 -4.00
N GLY C 63 -15.40 9.66 -4.07
CA GLY C 63 -14.46 10.42 -3.29
C GLY C 63 -14.00 11.72 -3.90
N GLN C 64 -14.54 12.08 -5.06
CA GLN C 64 -14.20 13.35 -5.70
C GLN C 64 -15.17 14.44 -5.25
N GLU C 65 -14.62 15.64 -5.05
CA GLU C 65 -15.44 16.74 -4.55
C GLU C 65 -16.51 17.14 -5.56
N LYS C 66 -16.15 17.21 -6.84
CA LYS C 66 -17.09 17.68 -7.85
C LYS C 66 -18.08 16.60 -8.28
N PHE C 67 -17.86 15.35 -7.92
CA PHE C 67 -18.77 14.26 -8.26
C PHE C 67 -19.50 13.71 -7.05
N GLY C 68 -19.50 14.46 -5.94
CA GLY C 68 -20.05 13.94 -4.70
C GLY C 68 -21.53 13.65 -4.76
N GLY C 69 -22.30 14.43 -5.51
CA GLY C 69 -23.74 14.25 -5.52
C GLY C 69 -24.32 14.63 -4.17
N LEU C 70 -25.09 13.72 -3.58
CA LEU C 70 -25.59 13.91 -2.22
C LEU C 70 -24.50 13.43 -1.27
N ARG C 71 -23.67 14.37 -0.81
CA ARG C 71 -22.44 14.01 -0.11
C ARG C 71 -22.70 13.10 1.08
N ASP C 72 -23.41 13.60 2.09
CA ASP C 72 -23.74 12.82 3.27
C ASP C 72 -25.12 12.21 3.21
N GLY C 73 -25.91 12.51 2.19
CA GLY C 73 -27.24 11.96 2.09
C GLY C 73 -27.26 10.47 1.82
N TYR C 74 -26.10 9.87 1.60
CA TYR C 74 -26.01 8.43 1.43
C TYR C 74 -25.81 7.70 2.76
N TYR C 75 -25.18 8.35 3.74
CA TYR C 75 -24.94 7.69 5.02
C TYR C 75 -26.14 7.82 5.95
N ILE C 76 -27.32 7.48 5.48
CA ILE C 76 -28.52 7.57 6.30
C ILE C 76 -29.12 6.17 6.40
N GLN C 77 -29.44 5.76 7.63
CA GLN C 77 -29.85 4.40 7.94
C GLN C 77 -28.76 3.39 7.63
N ALA C 78 -27.52 3.83 7.54
CA ALA C 78 -26.40 2.91 7.36
C ALA C 78 -26.17 2.11 8.62
N GLN C 79 -25.73 0.87 8.44
CA GLN C 79 -25.49 -0.03 9.55
C GLN C 79 -24.05 -0.49 9.69
N CYS C 80 -23.21 -0.31 8.67
CA CYS C 80 -21.79 -0.57 8.81
C CYS C 80 -21.02 0.30 7.84
N ALA C 81 -19.75 0.54 8.14
CA ALA C 81 -18.96 1.42 7.30
C ALA C 81 -17.57 0.85 7.09
N ILE C 82 -17.03 1.10 5.91
CA ILE C 82 -15.63 0.85 5.59
C ILE C 82 -15.02 2.17 5.15
N ILE C 83 -13.91 2.54 5.76
CA ILE C 83 -13.13 3.71 5.37
C ILE C 83 -11.84 3.20 4.74
N MET C 84 -11.65 3.49 3.46
CA MET C 84 -10.51 2.98 2.73
C MET C 84 -9.52 4.11 2.45
N PHE C 85 -8.24 3.81 2.59
CA PHE C 85 -7.22 4.78 2.21
C PHE C 85 -6.07 4.07 1.50
N ASP C 86 -5.40 4.81 0.63
CA ASP C 86 -4.28 4.27 -0.14
C ASP C 86 -2.99 4.46 0.65
N VAL C 87 -2.21 3.39 0.78
CA VAL C 87 -0.98 3.46 1.56
C VAL C 87 0.18 4.06 0.78
N THR C 88 0.01 4.34 -0.51
CA THR C 88 1.04 4.96 -1.32
C THR C 88 0.90 6.47 -1.42
N SER C 89 -0.08 7.06 -0.72
CA SER C 89 -0.27 8.51 -0.72
C SER C 89 -0.74 8.91 0.67
N ARG C 90 0.03 9.80 1.32
CA ARG C 90 -0.29 10.19 2.69
C ARG C 90 -1.52 11.06 2.79
N VAL C 91 -1.88 11.77 1.71
CA VAL C 91 -3.06 12.63 1.76
C VAL C 91 -4.32 11.80 1.94
N THR C 92 -4.36 10.60 1.35
CA THR C 92 -5.52 9.73 1.53
C THR C 92 -5.69 9.30 2.97
N TYR C 93 -4.59 9.23 3.72
CA TYR C 93 -4.67 8.89 5.15
C TYR C 93 -4.95 10.10 6.02
N LYS C 94 -4.46 11.28 5.64
CA LYS C 94 -4.73 12.47 6.42
C LYS C 94 -6.22 12.80 6.50
N ASN C 95 -7.00 12.36 5.53
CA ASN C 95 -8.42 12.68 5.48
C ASN C 95 -9.29 11.63 6.15
N VAL C 96 -8.71 10.59 6.74
CA VAL C 96 -9.51 9.59 7.44
C VAL C 96 -10.31 10.21 8.59
N PRO C 97 -9.75 11.09 9.42
CA PRO C 97 -10.58 11.70 10.48
C PRO C 97 -11.79 12.44 9.94
N ASN C 98 -11.69 13.10 8.79
CA ASN C 98 -12.84 13.83 8.26
C ASN C 98 -13.94 12.87 7.81
N TRP C 99 -13.58 11.77 7.15
CA TRP C 99 -14.58 10.78 6.79
C TRP C 99 -15.23 10.17 8.02
N HIS C 100 -14.43 9.88 9.06
CA HIS C 100 -14.99 9.36 10.30
C HIS C 100 -15.96 10.37 10.92
N ARG C 101 -15.58 11.65 10.92
CA ARG C 101 -16.43 12.69 11.49
C ARG C 101 -17.75 12.80 10.74
N ASP C 102 -17.70 12.76 9.41
CA ASP C 102 -18.93 12.80 8.63
C ASP C 102 -19.79 11.58 8.89
N LEU C 103 -19.17 10.42 9.15
CA LEU C 103 -19.94 9.22 9.43
C LEU C 103 -20.63 9.29 10.78
N VAL C 104 -19.91 9.71 11.82
CA VAL C 104 -20.45 9.64 13.17
C VAL C 104 -21.55 10.68 13.39
N ARG C 105 -21.49 11.81 12.68
CA ARG C 105 -22.49 12.84 12.87
C ARG C 105 -23.85 12.47 12.30
N VAL C 106 -23.94 11.42 11.49
CA VAL C 106 -25.20 10.98 10.92
C VAL C 106 -25.63 9.62 11.47
N CYS C 107 -24.68 8.74 11.75
CA CYS C 107 -24.96 7.41 12.28
C CYS C 107 -24.32 7.28 13.65
N GLU C 108 -25.03 6.67 14.59
CA GLU C 108 -24.55 6.51 15.95
C GLU C 108 -24.25 5.04 16.22
N ASN C 109 -23.03 4.77 16.69
CA ASN C 109 -22.65 3.45 17.20
C ASN C 109 -22.85 2.36 16.15
N ILE C 110 -22.09 2.46 15.06
CA ILE C 110 -22.11 1.45 14.02
C ILE C 110 -20.70 0.89 13.86
N PRO C 111 -20.54 -0.37 13.45
CA PRO C 111 -19.19 -0.90 13.22
C PRO C 111 -18.53 -0.24 12.02
N ILE C 112 -17.27 0.15 12.21
CA ILE C 112 -16.48 0.81 11.19
C ILE C 112 -15.15 0.08 11.07
N VAL C 113 -14.76 -0.25 9.83
CA VAL C 113 -13.51 -0.93 9.56
C VAL C 113 -12.63 -0.01 8.74
N LEU C 114 -11.38 0.15 9.16
CA LEU C 114 -10.41 0.97 8.45
C LEU C 114 -9.49 0.07 7.63
N CYS C 115 -9.43 0.30 6.32
CA CYS C 115 -8.69 -0.56 5.41
C CYS C 115 -7.61 0.24 4.70
N GLY C 116 -6.41 -0.31 4.62
CA GLY C 116 -5.33 0.29 3.88
C GLY C 116 -5.01 -0.49 2.62
N ASN C 117 -5.38 0.06 1.46
CA ASN C 117 -5.28 -0.64 0.20
C ASN C 117 -3.93 -0.41 -0.46
N LYS C 118 -3.69 -1.14 -1.55
CA LYS C 118 -2.50 -0.99 -2.37
C LYS C 118 -1.22 -1.31 -1.60
N VAL C 119 -1.28 -2.36 -0.79
CA VAL C 119 -0.11 -2.77 -0.02
C VAL C 119 0.96 -3.34 -0.94
N ASP C 120 0.55 -4.01 -2.00
CA ASP C 120 1.48 -4.74 -2.86
C ASP C 120 2.37 -3.84 -3.72
N ILE C 121 2.11 -2.53 -3.76
CA ILE C 121 2.79 -1.67 -4.72
C ILE C 121 4.28 -1.58 -4.43
N LYS C 122 4.68 -1.74 -3.17
CA LYS C 122 6.05 -1.51 -2.68
C LYS C 122 6.38 -0.03 -2.78
N ASP C 123 7.47 0.41 -2.14
CA ASP C 123 7.73 1.83 -1.95
C ASP C 123 6.56 2.50 -1.23
N ARG C 124 6.03 1.78 -0.24
CA ARG C 124 4.88 2.25 0.52
C ARG C 124 5.21 3.52 1.29
N LYS C 125 4.31 4.49 1.24
CA LYS C 125 4.54 5.80 1.85
C LYS C 125 3.95 5.94 3.25
N VAL C 126 2.92 5.17 3.57
CA VAL C 126 2.30 5.20 4.89
C VAL C 126 2.76 3.92 5.60
N LYS C 127 3.83 4.03 6.39
CA LYS C 127 4.36 2.88 7.10
C LYS C 127 3.36 2.39 8.14
N ALA C 128 3.43 1.09 8.44
CA ALA C 128 2.46 0.48 9.35
C ALA C 128 2.56 1.01 10.76
N LYS C 129 3.68 1.64 11.13
CA LYS C 129 3.84 2.20 12.46
C LYS C 129 3.17 3.56 12.61
N SER C 130 2.79 4.21 11.51
CA SER C 130 2.18 5.53 11.56
C SER C 130 0.66 5.48 11.51
N ILE C 131 0.07 4.29 11.51
CA ILE C 131 -1.37 4.12 11.42
C ILE C 131 -1.88 3.92 12.84
N VAL C 132 -2.41 4.98 13.44
CA VAL C 132 -2.83 4.98 14.84
C VAL C 132 -4.26 5.41 15.05
N PHE C 133 -5.03 5.65 13.98
CA PHE C 133 -6.39 6.13 14.15
C PHE C 133 -7.28 5.08 14.81
N HIS C 134 -7.08 3.80 14.45
CA HIS C 134 -7.90 2.75 15.04
C HIS C 134 -7.63 2.61 16.53
N ARG C 135 -6.39 2.82 16.97
CA ARG C 135 -6.10 2.80 18.40
C ARG C 135 -6.84 3.91 19.13
N LYS C 136 -6.84 5.12 18.55
CA LYS C 136 -7.49 6.25 19.18
C LYS C 136 -9.00 6.07 19.24
N LYS C 137 -9.60 5.50 18.19
CA LYS C 137 -11.05 5.43 18.09
C LYS C 137 -11.61 4.04 18.34
N ASN C 138 -10.78 3.08 18.76
CA ASN C 138 -11.22 1.70 19.00
C ASN C 138 -11.83 1.09 17.74
N LEU C 139 -11.06 1.11 16.65
CA LEU C 139 -11.50 0.60 15.36
C LEU C 139 -10.73 -0.65 14.99
N GLN C 140 -11.25 -1.39 14.02
CA GLN C 140 -10.60 -2.58 13.49
C GLN C 140 -9.91 -2.19 12.19
N TYR C 141 -8.61 -2.43 12.11
CA TYR C 141 -7.80 -2.04 10.96
C TYR C 141 -7.30 -3.27 10.22
N TYR C 142 -7.24 -3.17 8.89
CA TYR C 142 -6.77 -4.26 8.05
C TYR C 142 -5.88 -3.71 6.94
N ASP C 143 -4.91 -4.54 6.54
CA ASP C 143 -4.08 -4.31 5.36
C ASP C 143 -4.61 -5.21 4.25
N ILE C 144 -5.13 -4.61 3.19
CA ILE C 144 -5.70 -5.35 2.09
C ILE C 144 -5.02 -4.93 0.79
N SER C 145 -5.32 -5.67 -0.27
CA SER C 145 -4.93 -5.29 -1.62
C SER C 145 -5.80 -6.05 -2.59
N ALA C 146 -6.59 -5.34 -3.38
CA ALA C 146 -7.51 -6.00 -4.31
C ALA C 146 -6.77 -6.68 -5.45
N LYS C 147 -5.52 -6.31 -5.71
CA LYS C 147 -4.77 -6.93 -6.79
C LYS C 147 -4.35 -8.35 -6.43
N SER C 148 -3.83 -8.54 -5.22
CA SER C 148 -3.31 -9.83 -4.78
C SER C 148 -4.30 -10.64 -3.97
N ASN C 149 -5.50 -10.12 -3.73
CA ASN C 149 -6.51 -10.78 -2.89
C ASN C 149 -5.98 -11.06 -1.49
N TYR C 150 -5.17 -10.15 -0.96
CA TYR C 150 -4.58 -10.30 0.35
C TYR C 150 -5.51 -9.69 1.38
N ASN C 151 -5.99 -10.51 2.32
CA ASN C 151 -6.95 -10.10 3.35
C ASN C 151 -8.23 -9.55 2.75
N PHE C 152 -8.52 -9.86 1.49
CA PHE C 152 -9.61 -9.19 0.80
C PHE C 152 -10.98 -9.63 1.30
N GLU C 153 -11.06 -10.64 2.15
CA GLU C 153 -12.33 -11.07 2.73
C GLU C 153 -12.45 -10.74 4.21
N LYS C 154 -11.38 -10.24 4.83
CA LYS C 154 -11.41 -9.97 6.27
C LYS C 154 -12.44 -8.92 6.68
N PRO C 155 -12.55 -7.76 6.02
CA PRO C 155 -13.53 -6.78 6.50
C PRO C 155 -14.95 -7.30 6.55
N PHE C 156 -15.37 -8.07 5.55
CA PHE C 156 -16.72 -8.61 5.57
C PHE C 156 -16.89 -9.65 6.67
N LEU C 157 -15.85 -10.44 6.93
CA LEU C 157 -15.93 -11.42 8.02
C LEU C 157 -16.06 -10.73 9.37
N TRP C 158 -15.25 -9.69 9.60
CA TRP C 158 -15.33 -8.97 10.87
C TRP C 158 -16.69 -8.30 11.04
N LEU C 159 -17.19 -7.67 9.98
CA LEU C 159 -18.51 -7.04 10.08
C LEU C 159 -19.61 -8.07 10.28
N ALA C 160 -19.49 -9.23 9.65
CA ALA C 160 -20.48 -10.28 9.85
C ALA C 160 -20.47 -10.79 11.28
N ARG C 161 -19.28 -10.96 11.86
CA ARG C 161 -19.19 -11.36 13.26
C ARG C 161 -19.82 -10.31 14.17
N LYS C 162 -19.58 -9.03 13.88
CA LYS C 162 -20.07 -7.98 14.76
C LYS C 162 -21.57 -7.74 14.62
N LEU C 163 -22.13 -7.90 13.42
CA LEU C 163 -23.50 -7.48 13.20
C LEU C 163 -24.52 -8.43 13.81
N ILE C 164 -24.28 -9.73 13.74
CA ILE C 164 -25.19 -10.68 14.37
C ILE C 164 -24.71 -11.03 15.77
N GLY C 165 -23.41 -11.16 15.96
CA GLY C 165 -22.80 -11.39 17.25
C GLY C 165 -22.46 -12.85 17.41
N ASP C 166 -21.24 -13.21 17.04
CA ASP C 166 -20.75 -14.57 17.13
C ASP C 166 -19.25 -14.53 16.93
N PRO C 167 -18.46 -14.21 17.94
CA PRO C 167 -17.01 -14.03 17.74
C PRO C 167 -16.32 -15.23 17.12
N ASN C 168 -17.00 -16.37 16.98
CA ASN C 168 -16.48 -17.54 16.29
C ASN C 168 -17.41 -17.80 15.10
N LEU C 169 -17.13 -17.14 13.98
CA LEU C 169 -17.94 -17.25 12.77
C LEU C 169 -17.01 -17.49 11.59
N GLU C 170 -17.45 -18.35 10.67
CA GLU C 170 -16.61 -18.74 9.54
C GLU C 170 -17.45 -18.74 8.26
N PHE C 171 -16.76 -18.57 7.15
CA PHE C 171 -17.37 -18.67 5.81
C PHE C 171 -17.40 -20.13 5.41
N VAL C 172 -18.61 -20.70 5.32
CA VAL C 172 -18.76 -22.06 4.84
C VAL C 172 -18.86 -22.05 3.33
N ALA C 173 -18.72 -23.21 2.71
CA ALA C 173 -18.74 -23.30 1.25
C ALA C 173 -20.12 -23.00 0.69
N MET C 174 -20.15 -22.20 -0.37
CA MET C 174 -21.41 -21.84 -1.01
C MET C 174 -22.05 -23.08 -1.64
N PRO C 175 -23.35 -23.27 -1.44
CA PRO C 175 -24.02 -24.42 -2.08
C PRO C 175 -23.90 -24.35 -3.59
N ALA C 176 -23.78 -25.52 -4.21
CA ALA C 176 -23.56 -25.63 -5.65
C ALA C 176 -24.76 -26.32 -6.28
N LEU C 177 -25.65 -25.54 -6.88
CA LEU C 177 -26.81 -26.11 -7.53
C LEU C 177 -26.43 -26.79 -8.83
N ALA C 178 -27.34 -27.61 -9.34
CA ALA C 178 -27.10 -28.35 -10.57
C ALA C 178 -27.25 -27.43 -11.77
N PRO C 179 -26.22 -27.28 -12.61
CA PRO C 179 -26.35 -26.41 -13.77
C PRO C 179 -27.33 -26.99 -14.78
N PRO C 180 -28.01 -26.15 -15.55
CA PRO C 180 -29.00 -26.67 -16.50
C PRO C 180 -28.32 -27.29 -17.71
N GLU C 181 -29.09 -28.12 -18.42
CA GLU C 181 -28.65 -28.73 -19.67
C GLU C 181 -29.50 -28.16 -20.80
N VAL C 182 -28.87 -27.41 -21.69
CA VAL C 182 -29.53 -26.78 -22.83
C VAL C 182 -28.72 -27.03 -24.08
N VAL C 183 -29.31 -26.71 -25.23
CA VAL C 183 -28.68 -26.89 -26.53
C VAL C 183 -28.77 -25.58 -27.30
N MET C 184 -27.88 -25.43 -28.29
CA MET C 184 -27.78 -24.22 -29.08
C MET C 184 -27.90 -24.56 -30.56
N ASP C 185 -28.31 -23.55 -31.35
CA ASP C 185 -28.45 -23.73 -32.77
C ASP C 185 -27.09 -23.92 -33.43
N PRO C 186 -27.04 -24.71 -34.53
CA PRO C 186 -25.74 -24.96 -35.17
C PRO C 186 -25.04 -23.71 -35.68
N ALA C 187 -25.78 -22.70 -36.13
CA ALA C 187 -25.14 -21.46 -36.55
C ALA C 187 -24.42 -20.78 -35.40
N LEU C 188 -25.07 -20.72 -34.23
CA LEU C 188 -24.40 -20.20 -33.05
C LEU C 188 -23.24 -21.10 -32.64
N ALA C 189 -23.34 -22.40 -32.91
CA ALA C 189 -22.21 -23.30 -32.65
C ALA C 189 -21.02 -22.95 -33.51
N ALA C 190 -21.24 -22.68 -34.79
CA ALA C 190 -20.14 -22.27 -35.67
C ALA C 190 -19.57 -20.92 -35.25
N GLN C 191 -20.43 -20.00 -34.84
CA GLN C 191 -19.95 -18.73 -34.31
C GLN C 191 -19.08 -18.95 -33.08
N TYR C 192 -19.51 -19.84 -32.19
CA TYR C 192 -18.71 -20.16 -31.02
C TYR C 192 -17.38 -20.80 -31.41
N GLU C 193 -17.38 -21.61 -32.48
CA GLU C 193 -16.13 -22.19 -32.96
C GLU C 193 -15.17 -21.11 -33.42
N HIS C 194 -15.66 -20.14 -34.18
CA HIS C 194 -14.80 -19.03 -34.62
C HIS C 194 -14.29 -18.23 -33.42
N ASP C 195 -15.17 -17.97 -32.45
CA ASP C 195 -14.75 -17.26 -31.25
C ASP C 195 -13.70 -18.05 -30.47
N LEU C 196 -13.86 -19.37 -30.41
CA LEU C 196 -12.87 -20.23 -29.76
C LEU C 196 -11.54 -20.13 -30.47
N GLU C 197 -11.55 -20.12 -31.80
CA GLU C 197 -10.31 -19.98 -32.55
C GLU C 197 -9.61 -18.66 -32.23
N VAL C 198 -10.37 -17.57 -32.27
CA VAL C 198 -9.75 -16.26 -32.03
C VAL C 198 -9.28 -16.13 -30.58
N ALA C 199 -9.97 -16.79 -29.64
CA ALA C 199 -9.54 -16.77 -28.25
C ALA C 199 -8.27 -17.58 -28.05
N GLN C 200 -8.23 -18.79 -28.60
CA GLN C 200 -7.03 -19.61 -28.52
C GLN C 200 -5.84 -18.91 -29.17
N THR C 201 -6.10 -18.08 -30.18
CA THR C 201 -5.02 -17.26 -30.74
C THR C 201 -4.51 -16.26 -29.71
N THR C 202 -5.40 -15.66 -28.93
CA THR C 202 -5.01 -14.65 -27.95
C THR C 202 -4.22 -15.28 -26.81
N ALA C 203 -3.34 -14.48 -26.21
CA ALA C 203 -2.46 -14.94 -25.14
C ALA C 203 -2.97 -14.49 -23.78
N LEU C 204 -2.95 -15.41 -22.81
CA LEU C 204 -3.40 -15.11 -21.47
C LEU C 204 -2.48 -14.09 -20.80
N PRO C 205 -3.00 -13.28 -19.88
CA PRO C 205 -2.14 -12.38 -19.13
C PRO C 205 -1.17 -13.14 -18.24
N GLU C 206 -0.02 -12.53 -17.99
CA GLU C 206 1.06 -13.15 -17.25
C GLU C 206 0.95 -12.76 -15.77
N GLU C 207 0.63 -13.73 -14.92
CA GLU C 207 0.50 -13.50 -13.48
C GLU C 207 1.11 -14.69 -12.75
N ASP C 208 0.82 -14.79 -11.46
CA ASP C 208 1.44 -15.81 -10.61
C ASP C 208 0.46 -16.18 -9.50
N ALA C 209 0.97 -16.82 -8.45
CA ALA C 209 0.22 -17.21 -7.26
C ALA C 209 -0.85 -18.25 -7.57
N ALA C 210 -0.61 -19.09 -8.58
CA ALA C 210 -1.53 -20.17 -8.92
C ALA C 210 -1.45 -21.27 -7.88
PG GTP D . -13.22 7.27 -7.15
O1G GTP D . -14.59 6.65 -7.07
O2G GTP D . -12.92 8.07 -5.91
O3G GTP D . -13.16 8.21 -8.32
O3B GTP D . -12.09 6.13 -7.33
PB GTP D . -12.12 4.82 -6.43
O1B GTP D . -13.54 4.31 -6.35
O2B GTP D . -11.57 5.12 -5.06
O3A GTP D . -11.22 3.69 -7.13
PA GTP D . -11.27 3.31 -8.68
O1A GTP D . -12.25 4.19 -9.42
O2A GTP D . -11.60 1.86 -8.88
O5' GTP D . -9.78 3.56 -9.15
C5' GTP D . -8.76 2.95 -8.40
C4' GTP D . -7.54 2.74 -9.26
O4' GTP D . -6.47 2.35 -8.43
C3' GTP D . -7.77 1.60 -10.23
O3' GTP D . -7.93 2.12 -11.53
C2' GTP D . -6.52 0.76 -10.18
O2' GTP D . -5.74 1.04 -11.31
C1' GTP D . -5.79 1.22 -8.94
N9 GTP D . -5.81 0.15 -7.94
C8 GTP D . -6.86 -0.23 -7.15
N7 GTP D . -6.46 -1.25 -6.35
C5 GTP D . -5.17 -1.52 -6.63
C6 GTP D . -4.27 -2.45 -6.13
O6 GTP D . -4.62 -3.22 -5.25
N1 GTP D . -2.98 -2.49 -6.62
C2 GTP D . -2.60 -1.61 -7.60
N2 GTP D . -1.36 -1.64 -8.08
N3 GTP D . -3.48 -0.69 -8.10
C4 GTP D . -4.75 -0.65 -7.62
MG MG E . -14.78 4.85 -7.72
#